data_7QK8
#
_entry.id   7QK8
#
_cell.length_a   81.579
_cell.length_b   89.524
_cell.length_c   158.637
_cell.angle_alpha   90.00
_cell.angle_beta   90.00
_cell.angle_gamma   90.00
#
_symmetry.space_group_name_H-M   'P 21 2 21'
#
loop_
_entity.id
_entity.type
_entity.pdbx_description
1 polymer 'Aldehyde dehydrogenase family 1 member A3'
2 non-polymer NICOTINAMIDE-ADENINE-DINUCLEOTIDE
3 non-polymer DI(HYDROXYETHYL)ETHER
4 non-polymer GLYCEROL
5 non-polymer 'O-ACETALDEHYDYL-HEXAETHYLENE GLYCOL'
6 non-polymer 'SULFATE ION'
7 water water
#
_entity_poly.entity_id   1
_entity_poly.type   'polypeptide(L)'
_entity_poly.pdbx_seq_one_letter_code
;HHHHHHLESTSLYKKAGMATANGAVENGQPDRKPPALPRPIRNLEVKFTKIFINNEWHESKSGKKFATCNPSTREQICEV
EEGDKPDVDKAVEAAQVAFQRGSPWRRLDALSRGRLLHQLADLVERDRATLAALETMDTGKPFLHAFFIDLEGCIRTLRY
FAGWADKIQGKTIPTDDNVVCFTRHEPIGVCGAITPWNFPLLMLVWKLAPALCCGNTMVLKPAEQTPLTALYLGSLIKEA
GFPPGVVNIVPGFGPTVGAAISSHPQINKIAFTGSTEVGKLVKEAASRSNLKRVTLELGGKNPCIVCADADLDLAVECAH
QGVFFNQGQCCTAASRVFVEEQVYSEFVRRSVEYAKKRPVGDPFDVKTEQGPQIDQKQFDKILELIESGKKEGAKLECGG
SAMEDKGLFIKPTVFSEVTDNMRIAKEEIFGPVQPILKFKSIEEVIKRANSTDYGLTAAVFTKNLDKALKLASALESGTV
WINCYNALYAQAPFGGFKMSGNGRELGEYALAEYTEVKTVTIKLGDKNP
;
_entity_poly.pdbx_strand_id   A,B
#
loop_
_chem_comp.id
_chem_comp.type
_chem_comp.name
_chem_comp.formula
GOL non-polymer GLYCEROL 'C3 H8 O3'
NAD non-polymer NICOTINAMIDE-ADENINE-DINUCLEOTIDE 'C21 H27 N7 O14 P2'
P4C non-polymer 'O-ACETALDEHYDYL-HEXAETHYLENE GLYCOL' 'C14 H28 O8'
PEG non-polymer DI(HYDROXYETHYL)ETHER 'C4 H10 O3'
SO4 non-polymer 'SULFATE ION' 'O4 S -2'
#
# COMPACT_ATOMS: atom_id res chain seq x y z
N LEU A 37 -18.88 -34.73 -18.48
CA LEU A 37 -18.46 -33.46 -19.07
C LEU A 37 -19.65 -32.60 -19.47
N PRO A 38 -19.58 -31.28 -19.17
CA PRO A 38 -20.68 -30.39 -19.55
C PRO A 38 -20.76 -30.21 -21.06
N ARG A 39 -21.98 -30.14 -21.60
CA ARG A 39 -22.20 -29.99 -23.04
C ARG A 39 -21.81 -28.58 -23.49
N PRO A 40 -21.07 -28.46 -24.59
CA PRO A 40 -20.66 -27.13 -25.06
C PRO A 40 -21.81 -26.29 -25.61
N ILE A 41 -21.93 -25.04 -25.15
CA ILE A 41 -22.98 -24.14 -25.63
C ILE A 41 -22.40 -23.31 -26.77
N ARG A 42 -22.41 -23.87 -27.99
CA ARG A 42 -21.84 -23.26 -29.18
C ARG A 42 -22.62 -22.06 -29.76
N ASN A 43 -23.90 -21.89 -29.41
CA ASN A 43 -24.70 -20.78 -29.95
C ASN A 43 -25.50 -20.01 -28.89
N LEU A 44 -24.83 -19.59 -27.82
CA LEU A 44 -25.45 -18.85 -26.72
C LEU A 44 -25.80 -17.42 -27.10
N GLU A 45 -26.99 -16.95 -26.71
CA GLU A 45 -27.40 -15.57 -26.96
C GLU A 45 -27.04 -14.75 -25.71
N VAL A 46 -26.40 -13.58 -25.92
CA VAL A 46 -25.99 -12.75 -24.78
C VAL A 46 -27.14 -11.82 -24.40
N LYS A 47 -27.54 -11.91 -23.15
CA LYS A 47 -28.65 -11.13 -22.61
C LYS A 47 -28.18 -9.81 -21.97
N PHE A 48 -27.01 -9.83 -21.31
CA PHE A 48 -26.57 -8.67 -20.55
C PHE A 48 -25.47 -7.86 -21.25
N THR A 49 -25.83 -6.66 -21.69
CA THR A 49 -24.92 -5.79 -22.43
C THR A 49 -24.90 -4.36 -21.94
N LYS A 50 -25.60 -4.04 -20.84
CA LYS A 50 -25.73 -2.67 -20.40
C LYS A 50 -24.90 -2.32 -19.16
N ILE A 51 -24.86 -1.03 -18.79
CA ILE A 51 -24.19 -0.54 -17.59
C ILE A 51 -25.06 -0.94 -16.39
N PHE A 52 -24.45 -1.44 -15.32
CA PHE A 52 -25.19 -1.92 -14.16
C PHE A 52 -24.99 -0.97 -12.97
N ILE A 53 -26.01 -0.19 -12.60
CA ILE A 53 -25.93 0.77 -11.49
C ILE A 53 -27.21 0.68 -10.66
N ASN A 54 -27.10 0.55 -9.32
CA ASN A 54 -28.25 0.41 -8.42
C ASN A 54 -29.14 -0.74 -8.81
N ASN A 55 -28.53 -1.88 -9.17
CA ASN A 55 -29.23 -3.10 -9.57
C ASN A 55 -30.16 -2.89 -10.77
N GLU A 56 -29.87 -1.90 -11.60
CA GLU A 56 -30.65 -1.64 -12.80
C GLU A 56 -29.72 -1.56 -14.02
N TRP A 57 -30.30 -1.76 -15.22
CA TRP A 57 -29.52 -1.72 -16.45
C TRP A 57 -29.69 -0.37 -17.12
N HIS A 58 -28.59 0.24 -17.58
CA HIS A 58 -28.63 1.58 -18.16
C HIS A 58 -27.92 1.66 -19.47
N GLU A 59 -28.45 2.50 -20.36
CA GLU A 59 -27.74 2.81 -21.58
C GLU A 59 -26.62 3.81 -21.16
N SER A 60 -25.54 3.89 -21.95
CA SER A 60 -24.50 4.88 -21.69
C SER A 60 -25.08 6.30 -21.84
N LYS A 61 -24.53 7.28 -21.13
CA LYS A 61 -25.01 8.66 -21.22
C LYS A 61 -24.86 9.19 -22.65
N SER A 62 -23.79 8.80 -23.36
CA SER A 62 -23.59 9.25 -24.72
C SER A 62 -24.47 8.50 -25.75
N GLY A 63 -24.97 7.32 -25.39
CA GLY A 63 -25.70 6.46 -26.32
C GLY A 63 -24.75 5.58 -27.13
N LYS A 64 -23.42 5.77 -26.97
CA LYS A 64 -22.43 4.99 -27.71
C LYS A 64 -22.31 3.55 -27.25
N LYS A 65 -21.91 2.70 -28.18
CA LYS A 65 -21.72 1.28 -27.91
C LYS A 65 -20.45 0.83 -28.59
N PHE A 66 -19.84 -0.23 -28.07
CA PHE A 66 -18.65 -0.81 -28.69
C PHE A 66 -18.90 -2.30 -28.92
N ALA A 67 -18.23 -2.88 -29.91
CA ALA A 67 -18.45 -4.28 -30.22
C ALA A 67 -17.52 -5.20 -29.47
N THR A 68 -17.97 -6.43 -29.22
CA THR A 68 -17.10 -7.47 -28.69
C THR A 68 -17.07 -8.59 -29.75
N CYS A 69 -15.88 -9.09 -30.08
CA CYS A 69 -15.76 -10.11 -31.12
C CYS A 69 -15.21 -11.42 -30.62
N ASN A 70 -15.64 -12.52 -31.23
CA ASN A 70 -15.20 -13.85 -30.85
C ASN A 70 -13.87 -14.08 -31.58
N PRO A 71 -12.74 -14.32 -30.88
CA PRO A 71 -11.47 -14.55 -31.59
C PRO A 71 -11.40 -15.86 -32.38
N SER A 72 -12.30 -16.82 -32.12
CA SER A 72 -12.29 -18.10 -32.84
C SER A 72 -13.02 -18.00 -34.19
N THR A 73 -14.20 -17.40 -34.22
CA THR A 73 -14.97 -17.24 -35.45
C THR A 73 -14.68 -15.91 -36.16
N ARG A 74 -14.06 -14.95 -35.46
CA ARG A 74 -13.72 -13.59 -35.88
C ARG A 74 -14.95 -12.74 -36.22
N GLU A 75 -16.15 -13.19 -35.81
CA GLU A 75 -17.43 -12.52 -35.99
C GLU A 75 -17.79 -11.75 -34.71
N GLN A 76 -18.52 -10.65 -34.85
CA GLN A 76 -18.99 -9.86 -33.73
C GLN A 76 -20.00 -10.66 -32.94
N ILE A 77 -19.90 -10.62 -31.61
CA ILE A 77 -20.84 -11.30 -30.72
C ILE A 77 -22.04 -10.38 -30.48
N CYS A 78 -21.79 -9.14 -30.07
CA CYS A 78 -22.82 -8.16 -29.74
C CYS A 78 -22.17 -6.78 -29.52
N GLU A 79 -22.99 -5.78 -29.23
CA GLU A 79 -22.54 -4.45 -28.87
C GLU A 79 -22.84 -4.25 -27.39
N VAL A 80 -21.91 -3.61 -26.69
CA VAL A 80 -22.05 -3.32 -25.27
C VAL A 80 -22.06 -1.83 -25.09
N GLU A 81 -22.80 -1.29 -24.10
CA GLU A 81 -22.84 0.13 -23.82
C GLU A 81 -21.42 0.62 -23.50
N GLU A 82 -21.02 1.75 -24.10
CA GLU A 82 -19.69 2.31 -23.91
C GLU A 82 -19.74 3.41 -22.88
N GLY A 83 -19.32 3.09 -21.66
CA GLY A 83 -19.29 4.07 -20.59
C GLY A 83 -18.24 5.15 -20.78
N ASP A 84 -18.38 6.22 -20.03
CA ASP A 84 -17.40 7.31 -19.98
C ASP A 84 -17.49 7.91 -18.57
N LYS A 85 -16.77 9.01 -18.29
CA LYS A 85 -16.76 9.66 -16.98
C LYS A 85 -18.18 9.94 -16.42
N PRO A 86 -19.19 10.43 -17.20
CA PRO A 86 -20.53 10.61 -16.62
C PRO A 86 -21.15 9.33 -16.08
N ASP A 87 -20.90 8.19 -16.73
CA ASP A 87 -21.42 6.91 -16.27
C ASP A 87 -20.68 6.47 -14.99
N VAL A 88 -19.37 6.72 -14.93
CA VAL A 88 -18.57 6.40 -13.75
C VAL A 88 -19.05 7.26 -12.55
N ASP A 89 -19.34 8.55 -12.79
CA ASP A 89 -19.81 9.42 -11.72
C ASP A 89 -21.13 8.93 -11.14
N LYS A 90 -22.02 8.45 -12.00
CA LYS A 90 -23.30 7.91 -11.56
C LYS A 90 -23.09 6.62 -10.75
N ALA A 91 -22.15 5.76 -11.15
CA ALA A 91 -21.87 4.51 -10.47
C ALA A 91 -21.21 4.76 -9.10
N VAL A 92 -20.31 5.77 -9.02
CA VAL A 92 -19.63 6.09 -7.77
C VAL A 92 -20.62 6.67 -6.78
N GLU A 93 -21.53 7.57 -7.26
CA GLU A 93 -22.56 8.11 -6.39
C GLU A 93 -23.46 7.01 -5.84
N ALA A 94 -23.80 6.00 -6.66
CA ALA A 94 -24.62 4.88 -6.17
C ALA A 94 -23.87 4.08 -5.10
N ALA A 95 -22.58 3.81 -5.33
CA ALA A 95 -21.73 3.07 -4.40
C ALA A 95 -21.58 3.82 -3.10
N GLN A 96 -21.45 5.16 -3.15
CA GLN A 96 -21.35 6.03 -1.97
C GLN A 96 -22.63 5.99 -1.16
N VAL A 97 -23.80 6.07 -1.82
CA VAL A 97 -25.07 6.03 -1.11
C VAL A 97 -25.25 4.65 -0.48
N ALA A 98 -24.85 3.55 -1.17
CA ALA A 98 -24.96 2.23 -0.59
C ALA A 98 -24.02 2.01 0.60
N PHE A 99 -22.93 2.79 0.67
CA PHE A 99 -21.94 2.70 1.76
C PHE A 99 -22.25 3.66 2.96
N GLN A 100 -23.18 4.62 2.82
CA GLN A 100 -23.36 5.59 3.90
C GLN A 100 -23.87 4.90 5.18
N ARG A 101 -23.46 5.41 6.36
CA ARG A 101 -23.89 4.84 7.65
C ARG A 101 -25.42 4.76 7.70
N GLY A 102 -25.94 3.66 8.20
CA GLY A 102 -27.38 3.48 8.30
C GLY A 102 -28.01 2.84 7.08
N SER A 103 -27.23 2.62 5.99
CA SER A 103 -27.75 1.99 4.79
C SER A 103 -28.05 0.50 5.06
N PRO A 104 -28.89 -0.16 4.23
CA PRO A 104 -29.15 -1.59 4.44
C PRO A 104 -27.86 -2.42 4.42
N TRP A 105 -26.93 -2.10 3.50
CA TRP A 105 -25.67 -2.83 3.41
C TRP A 105 -24.80 -2.63 4.66
N ARG A 106 -24.68 -1.40 5.15
CA ARG A 106 -23.88 -1.14 6.36
C ARG A 106 -24.53 -1.72 7.63
N ARG A 107 -25.86 -1.89 7.64
CA ARG A 107 -26.54 -2.42 8.84
C ARG A 107 -26.53 -3.93 8.96
N LEU A 108 -26.19 -4.64 7.89
CA LEU A 108 -26.14 -6.09 7.84
C LEU A 108 -25.15 -6.61 8.86
N ASP A 109 -25.53 -7.68 9.59
CA ASP A 109 -24.60 -8.28 10.54
C ASP A 109 -23.51 -9.00 9.73
N ALA A 110 -22.33 -9.20 10.33
CA ALA A 110 -21.20 -9.81 9.62
C ALA A 110 -21.53 -11.15 8.98
N LEU A 111 -22.23 -12.04 9.70
CA LEU A 111 -22.57 -13.33 9.13
C LEU A 111 -23.49 -13.22 7.89
N SER A 112 -24.34 -12.16 7.81
CA SER A 112 -25.26 -11.94 6.69
C SER A 112 -24.54 -11.54 5.38
N ARG A 113 -23.39 -10.83 5.49
CA ARG A 113 -22.60 -10.54 4.29
C ARG A 113 -21.99 -11.82 3.79
N GLY A 114 -21.58 -12.73 4.70
CA GLY A 114 -21.06 -14.02 4.28
C GLY A 114 -22.13 -14.86 3.60
N ARG A 115 -23.38 -14.82 4.11
CA ARG A 115 -24.49 -15.56 3.48
C ARG A 115 -24.71 -15.08 2.07
N LEU A 116 -24.67 -13.75 1.83
CA LEU A 116 -24.83 -13.17 0.49
C LEU A 116 -23.79 -13.64 -0.50
N LEU A 117 -22.52 -13.74 -0.04
CA LEU A 117 -21.43 -14.21 -0.88
C LEU A 117 -21.61 -15.70 -1.21
N HIS A 118 -22.11 -16.50 -0.25
CA HIS A 118 -22.37 -17.93 -0.53
C HIS A 118 -23.53 -18.07 -1.51
N GLN A 119 -24.56 -17.21 -1.40
CA GLN A 119 -25.70 -17.21 -2.32
C GLN A 119 -25.26 -16.82 -3.73
N LEU A 120 -24.27 -15.91 -3.84
CA LEU A 120 -23.73 -15.54 -5.14
C LEU A 120 -22.96 -16.72 -5.72
N ALA A 121 -22.13 -17.40 -4.90
CA ALA A 121 -21.39 -18.59 -5.35
C ALA A 121 -22.34 -19.69 -5.84
N ASP A 122 -23.47 -19.87 -5.16
CA ASP A 122 -24.47 -20.87 -5.55
C ASP A 122 -25.05 -20.53 -6.91
N LEU A 123 -25.26 -19.23 -7.19
CA LEU A 123 -25.77 -18.79 -8.48
C LEU A 123 -24.73 -18.93 -9.58
N VAL A 124 -23.45 -18.68 -9.25
CA VAL A 124 -22.36 -18.84 -10.21
C VAL A 124 -22.23 -20.36 -10.53
N GLU A 125 -22.40 -21.24 -9.53
CA GLU A 125 -22.36 -22.68 -9.76
C GLU A 125 -23.55 -23.12 -10.63
N ARG A 126 -24.74 -22.58 -10.38
CA ARG A 126 -25.96 -22.91 -11.12
C ARG A 126 -25.80 -22.50 -12.60
N ASP A 127 -25.24 -21.30 -12.85
CA ASP A 127 -25.04 -20.81 -14.21
C ASP A 127 -23.63 -20.98 -14.74
N ARG A 128 -22.90 -21.94 -14.20
CA ARG A 128 -21.54 -22.23 -14.57
C ARG A 128 -21.29 -22.48 -16.05
N ALA A 129 -22.15 -23.26 -16.71
CA ALA A 129 -22.00 -23.56 -18.14
C ALA A 129 -22.14 -22.31 -19.01
N THR A 130 -23.10 -21.43 -18.69
CA THR A 130 -23.35 -20.18 -19.42
C THR A 130 -22.18 -19.21 -19.22
N LEU A 131 -21.68 -19.09 -17.97
CA LEU A 131 -20.54 -18.21 -17.69
C LEU A 131 -19.30 -18.70 -18.42
N ALA A 132 -19.04 -20.02 -18.37
CA ALA A 132 -17.90 -20.59 -19.08
C ALA A 132 -18.01 -20.39 -20.60
N ALA A 133 -19.23 -20.53 -21.16
CA ALA A 133 -19.42 -20.34 -22.60
C ALA A 133 -19.20 -18.88 -22.96
N LEU A 134 -19.69 -17.95 -22.12
CA LEU A 134 -19.46 -16.51 -22.36
C LEU A 134 -17.97 -16.19 -22.32
N GLU A 135 -17.23 -16.82 -21.40
CA GLU A 135 -15.79 -16.59 -21.28
C GLU A 135 -15.05 -17.14 -22.50
N THR A 136 -15.45 -18.31 -23.00
CA THR A 136 -14.84 -18.90 -24.20
C THR A 136 -15.13 -18.01 -25.42
N MET A 137 -16.38 -17.53 -25.56
CA MET A 137 -16.74 -16.65 -26.68
C MET A 137 -15.88 -15.38 -26.71
N ASP A 138 -15.70 -14.73 -25.55
CA ASP A 138 -14.93 -13.49 -25.41
C ASP A 138 -13.42 -13.68 -25.51
N THR A 139 -12.87 -14.79 -24.96
CA THR A 139 -11.42 -14.97 -24.89
C THR A 139 -10.77 -16.00 -25.84
N GLY A 140 -11.54 -16.94 -26.34
CA GLY A 140 -10.98 -18.01 -27.17
C GLY A 140 -10.45 -19.19 -26.38
N LYS A 141 -10.51 -19.14 -25.02
CA LYS A 141 -9.97 -20.24 -24.22
C LYS A 141 -10.89 -21.45 -24.34
N PRO A 142 -10.35 -22.68 -24.26
CA PRO A 142 -11.22 -23.87 -24.37
C PRO A 142 -12.36 -23.86 -23.35
N PHE A 143 -13.55 -24.30 -23.77
CA PHE A 143 -14.73 -24.32 -22.91
C PHE A 143 -14.52 -25.12 -21.63
N LEU A 144 -13.85 -26.27 -21.71
CA LEU A 144 -13.60 -27.08 -20.52
C LEU A 144 -12.58 -26.42 -19.57
N HIS A 145 -11.70 -25.56 -20.10
CA HIS A 145 -10.75 -24.82 -19.26
C HIS A 145 -11.50 -23.71 -18.53
N ALA A 146 -12.38 -22.99 -19.22
CA ALA A 146 -13.18 -21.96 -18.57
C ALA A 146 -14.13 -22.59 -17.51
N PHE A 147 -14.66 -23.78 -17.78
CA PHE A 147 -15.59 -24.46 -16.86
C PHE A 147 -14.89 -25.04 -15.62
N PHE A 148 -13.83 -25.83 -15.80
CA PHE A 148 -13.13 -26.49 -14.70
C PHE A 148 -12.03 -25.67 -14.03
N ILE A 149 -11.52 -24.65 -14.70
CA ILE A 149 -10.44 -23.84 -14.14
C ILE A 149 -10.95 -22.45 -13.72
N ASP A 150 -11.31 -21.53 -14.66
CA ASP A 150 -11.75 -20.18 -14.32
C ASP A 150 -12.95 -20.17 -13.39
N LEU A 151 -14.03 -20.89 -13.78
CA LEU A 151 -15.25 -20.87 -12.99
C LEU A 151 -15.07 -21.57 -11.65
N GLU A 152 -14.23 -22.61 -11.59
CA GLU A 152 -13.97 -23.28 -10.31
C GLU A 152 -13.25 -22.32 -9.35
N GLY A 153 -12.32 -21.52 -9.89
CA GLY A 153 -11.60 -20.51 -9.14
C GLY A 153 -12.53 -19.45 -8.60
N CYS A 154 -13.53 -19.05 -9.40
CA CYS A 154 -14.51 -18.05 -9.01
C CYS A 154 -15.32 -18.55 -7.81
N ILE A 155 -15.86 -19.77 -7.91
CA ILE A 155 -16.69 -20.35 -6.87
C ILE A 155 -15.87 -20.57 -5.60
N ARG A 156 -14.67 -21.12 -5.73
CA ARG A 156 -13.80 -21.34 -4.57
C ARG A 156 -13.44 -20.01 -3.90
N THR A 157 -13.17 -18.96 -4.69
CA THR A 157 -12.80 -17.67 -4.14
C THR A 157 -13.97 -17.02 -3.43
N LEU A 158 -15.18 -17.08 -4.01
CA LEU A 158 -16.36 -16.52 -3.34
C LEU A 158 -16.65 -17.24 -2.02
N ARG A 159 -16.56 -18.59 -2.00
CA ARG A 159 -16.87 -19.34 -0.76
C ARG A 159 -15.81 -19.13 0.32
N TYR A 160 -14.55 -19.02 -0.08
CA TYR A 160 -13.46 -18.78 0.90
C TYR A 160 -13.67 -17.44 1.62
N PHE A 161 -13.92 -16.35 0.85
CA PHE A 161 -14.11 -15.03 1.45
C PHE A 161 -15.43 -14.88 2.13
N ALA A 162 -16.47 -15.64 1.70
CA ALA A 162 -17.74 -15.64 2.46
C ALA A 162 -17.50 -16.05 3.94
N GLY A 163 -16.56 -16.97 4.14
CA GLY A 163 -16.21 -17.44 5.47
C GLY A 163 -15.41 -16.46 6.30
N TRP A 164 -14.77 -15.47 5.66
CA TRP A 164 -14.00 -14.47 6.39
C TRP A 164 -14.87 -13.35 6.96
N ALA A 165 -16.07 -13.10 6.42
CA ALA A 165 -16.88 -11.94 6.86
C ALA A 165 -17.05 -11.81 8.38
N ASP A 166 -17.36 -12.90 9.12
CA ASP A 166 -17.49 -12.80 10.57
C ASP A 166 -16.20 -13.14 11.33
N LYS A 167 -15.07 -13.19 10.62
CA LYS A 167 -13.76 -13.49 11.18
C LYS A 167 -12.70 -12.39 10.93
N ILE A 168 -13.11 -11.23 10.45
CA ILE A 168 -12.20 -10.09 10.31
C ILE A 168 -12.08 -9.48 11.69
N GLN A 169 -10.94 -9.69 12.35
CA GLN A 169 -10.81 -9.25 13.73
C GLN A 169 -9.68 -8.27 13.90
N GLY A 170 -9.93 -7.24 14.69
CA GLY A 170 -8.90 -6.30 15.09
C GLY A 170 -8.25 -6.80 16.36
N LYS A 171 -7.63 -5.91 17.11
CA LYS A 171 -6.89 -6.30 18.31
C LYS A 171 -7.24 -5.49 19.55
N THR A 172 -7.07 -6.07 20.75
CA THR A 172 -7.13 -5.32 22.00
C THR A 172 -5.66 -5.25 22.42
N ILE A 173 -5.16 -4.06 22.70
CA ILE A 173 -3.72 -3.86 22.89
C ILE A 173 -3.42 -3.43 24.31
N PRO A 174 -2.49 -4.11 25.01
CA PRO A 174 -2.17 -3.70 26.39
C PRO A 174 -1.34 -2.43 26.40
N THR A 175 -1.70 -1.45 27.25
CA THR A 175 -0.96 -0.19 27.31
C THR A 175 -0.69 0.10 28.81
N ASP A 176 -1.57 0.89 29.46
CA ASP A 176 -1.48 1.30 30.85
C ASP A 176 -2.69 0.76 31.59
N ASP A 177 -2.58 0.73 32.90
CA ASP A 177 -3.61 0.23 33.79
C ASP A 177 -4.92 1.01 33.64
N ASN A 178 -4.85 2.31 33.30
CA ASN A 178 -6.10 3.10 33.18
C ASN A 178 -6.49 3.36 31.73
N VAL A 179 -6.05 2.51 30.77
CA VAL A 179 -6.36 2.76 29.35
C VAL A 179 -6.90 1.52 28.66
N VAL A 180 -7.92 1.69 27.81
CA VAL A 180 -8.48 0.61 27.02
C VAL A 180 -8.15 0.99 25.56
N CYS A 181 -7.27 0.22 24.90
CA CYS A 181 -6.83 0.50 23.56
C CYS A 181 -7.18 -0.67 22.68
N PHE A 182 -7.79 -0.39 21.52
CA PHE A 182 -8.14 -1.47 20.58
C PHE A 182 -8.17 -0.95 19.14
N THR A 183 -8.07 -1.87 18.16
CA THR A 183 -8.18 -1.49 16.76
C THR A 183 -9.44 -2.11 16.15
N ARG A 184 -10.00 -1.41 15.17
CA ARG A 184 -11.14 -1.84 14.38
C ARG A 184 -10.60 -1.90 12.94
N HIS A 185 -10.98 -2.94 12.20
CA HIS A 185 -10.56 -3.07 10.82
C HIS A 185 -11.80 -2.70 10.02
N GLU A 186 -11.96 -1.41 9.76
CA GLU A 186 -13.17 -0.93 9.11
C GLU A 186 -13.13 -1.10 7.60
N PRO A 187 -14.29 -1.17 6.92
CA PRO A 187 -14.24 -1.18 5.45
C PRO A 187 -13.64 0.14 4.95
N ILE A 188 -12.92 0.13 3.81
CA ILE A 188 -12.33 1.36 3.26
C ILE A 188 -13.37 2.27 2.63
N GLY A 189 -14.38 1.67 1.99
CA GLY A 189 -15.44 2.45 1.37
C GLY A 189 -15.66 2.02 -0.05
N VAL A 190 -15.66 2.99 -0.99
CA VAL A 190 -15.89 2.67 -2.40
C VAL A 190 -14.62 2.14 -3.06
N CYS A 191 -14.68 0.96 -3.59
CA CYS A 191 -13.55 0.29 -4.22
C CYS A 191 -13.73 0.20 -5.70
N GLY A 192 -12.72 0.59 -6.45
CA GLY A 192 -12.72 0.42 -7.89
C GLY A 192 -11.93 -0.82 -8.28
N ALA A 193 -12.38 -1.54 -9.31
CA ALA A 193 -11.69 -2.73 -9.77
C ALA A 193 -11.50 -2.61 -11.28
N ILE A 194 -10.27 -2.72 -11.78
CA ILE A 194 -10.00 -2.64 -13.22
C ILE A 194 -9.29 -3.96 -13.59
N THR A 195 -9.86 -4.73 -14.52
CA THR A 195 -9.33 -6.06 -14.82
C THR A 195 -8.95 -6.24 -16.30
N PRO A 196 -8.06 -7.25 -16.55
CA PRO A 196 -7.59 -7.49 -17.91
C PRO A 196 -8.44 -8.50 -18.68
N TRP A 197 -8.04 -8.80 -19.93
CA TRP A 197 -8.79 -9.70 -20.79
C TRP A 197 -8.46 -11.20 -20.66
N ASN A 198 -7.31 -11.60 -20.03
CA ASN A 198 -6.94 -13.05 -20.06
C ASN A 198 -7.74 -13.95 -19.12
N PHE A 199 -8.17 -13.46 -17.96
CA PHE A 199 -9.02 -14.23 -17.04
C PHE A 199 -10.04 -13.23 -16.55
N PRO A 200 -11.01 -12.86 -17.42
CA PRO A 200 -11.91 -11.75 -17.08
C PRO A 200 -12.72 -11.92 -15.79
N LEU A 201 -13.55 -12.96 -15.67
CA LEU A 201 -14.37 -13.12 -14.48
C LEU A 201 -13.53 -13.39 -13.26
N LEU A 202 -12.51 -14.22 -13.38
CA LEU A 202 -11.68 -14.60 -12.22
C LEU A 202 -10.95 -13.44 -11.58
N MET A 203 -10.35 -12.56 -12.38
CA MET A 203 -9.63 -11.38 -11.83
C MET A 203 -10.58 -10.40 -11.15
N LEU A 204 -11.83 -10.35 -11.63
CA LEU A 204 -12.85 -9.53 -11.04
C LEU A 204 -13.25 -10.15 -9.69
N VAL A 205 -13.53 -11.46 -9.66
CA VAL A 205 -13.96 -12.13 -8.44
C VAL A 205 -12.85 -12.07 -7.36
N TRP A 206 -11.59 -12.13 -7.77
CA TRP A 206 -10.48 -12.01 -6.80
C TRP A 206 -10.52 -10.69 -6.03
N LYS A 207 -11.16 -9.63 -6.60
CA LYS A 207 -11.27 -8.34 -5.92
C LYS A 207 -12.62 -8.24 -5.22
N LEU A 208 -13.69 -8.64 -5.94
CA LEU A 208 -15.04 -8.59 -5.42
C LEU A 208 -15.24 -9.41 -4.16
N ALA A 209 -14.72 -10.64 -4.09
CA ALA A 209 -14.92 -11.51 -2.93
C ALA A 209 -14.40 -10.91 -1.62
N PRO A 210 -13.12 -10.50 -1.53
CA PRO A 210 -12.66 -9.85 -0.28
C PRO A 210 -13.29 -8.47 -0.08
N ALA A 211 -13.53 -7.71 -1.16
CA ALA A 211 -14.08 -6.35 -0.99
C ALA A 211 -15.44 -6.38 -0.32
N LEU A 212 -16.34 -7.26 -0.78
CA LEU A 212 -17.66 -7.35 -0.21
C LEU A 212 -17.65 -8.05 1.15
N CYS A 213 -16.78 -9.05 1.35
CA CYS A 213 -16.74 -9.71 2.65
C CYS A 213 -16.30 -8.70 3.76
N CYS A 214 -15.53 -7.64 3.38
CA CYS A 214 -15.11 -6.57 4.29
C CYS A 214 -16.14 -5.46 4.48
N GLY A 215 -17.20 -5.45 3.68
CA GLY A 215 -18.26 -4.45 3.82
C GLY A 215 -18.16 -3.25 2.92
N ASN A 216 -17.29 -3.30 1.92
CA ASN A 216 -17.11 -2.20 0.97
C ASN A 216 -18.20 -2.24 -0.11
N THR A 217 -18.28 -1.17 -0.93
CA THR A 217 -19.12 -1.10 -2.13
C THR A 217 -18.16 -0.93 -3.32
N MET A 218 -18.62 -1.20 -4.53
CA MET A 218 -17.72 -1.28 -5.66
C MET A 218 -18.19 -0.67 -6.95
N VAL A 219 -17.21 -0.28 -7.76
CA VAL A 219 -17.36 0.14 -9.16
C VAL A 219 -16.36 -0.71 -9.92
N LEU A 220 -16.84 -1.56 -10.82
CA LEU A 220 -16.03 -2.48 -11.59
C LEU A 220 -15.92 -2.04 -13.06
N LYS A 221 -14.72 -2.21 -13.63
CA LYS A 221 -14.49 -1.97 -15.05
C LYS A 221 -13.80 -3.17 -15.66
N PRO A 222 -14.54 -4.04 -16.35
CA PRO A 222 -13.89 -5.15 -17.05
C PRO A 222 -13.12 -4.62 -18.28
N ALA A 223 -12.19 -5.42 -18.83
CA ALA A 223 -11.46 -5.05 -20.03
C ALA A 223 -12.44 -4.86 -21.22
N GLU A 224 -12.14 -3.92 -22.09
CA GLU A 224 -12.99 -3.65 -23.28
C GLU A 224 -13.09 -4.87 -24.21
N GLN A 225 -12.04 -5.69 -24.25
CA GLN A 225 -12.05 -6.91 -25.06
C GLN A 225 -12.99 -7.98 -24.51
N THR A 226 -13.20 -8.00 -23.18
CA THR A 226 -13.97 -9.05 -22.51
C THR A 226 -14.96 -8.53 -21.44
N PRO A 227 -16.08 -7.91 -21.86
CA PRO A 227 -17.05 -7.41 -20.88
C PRO A 227 -18.17 -8.39 -20.51
N LEU A 228 -18.40 -9.46 -21.28
CA LEU A 228 -19.59 -10.30 -21.09
C LEU A 228 -19.80 -10.99 -19.72
N THR A 229 -18.80 -11.69 -19.19
CA THR A 229 -19.00 -12.40 -17.91
C THR A 229 -19.22 -11.44 -16.72
N ALA A 230 -18.60 -10.25 -16.75
CA ALA A 230 -18.81 -9.26 -15.69
C ALA A 230 -20.24 -8.79 -15.69
N LEU A 231 -20.82 -8.55 -16.89
CA LEU A 231 -22.20 -8.08 -16.97
C LEU A 231 -23.15 -9.18 -16.57
N TYR A 232 -22.88 -10.45 -16.94
CA TYR A 232 -23.73 -11.56 -16.51
C TYR A 232 -23.66 -11.70 -14.97
N LEU A 233 -22.45 -11.50 -14.37
CA LEU A 233 -22.30 -11.55 -12.92
C LEU A 233 -23.20 -10.52 -12.25
N GLY A 234 -23.37 -9.34 -12.85
CA GLY A 234 -24.24 -8.29 -12.33
C GLY A 234 -25.66 -8.77 -12.13
N SER A 235 -26.20 -9.53 -13.08
CA SER A 235 -27.54 -10.10 -12.96
C SER A 235 -27.59 -11.07 -11.77
N LEU A 236 -26.48 -11.80 -11.51
CA LEU A 236 -26.42 -12.72 -10.38
C LEU A 236 -26.31 -11.99 -9.05
N ILE A 237 -25.65 -10.82 -9.03
CA ILE A 237 -25.55 -10.00 -7.82
C ILE A 237 -26.92 -9.50 -7.38
N LYS A 238 -27.73 -9.05 -8.32
CA LYS A 238 -29.08 -8.58 -8.03
C LYS A 238 -29.94 -9.77 -7.58
N GLU A 239 -29.86 -10.90 -8.29
CA GLU A 239 -30.64 -12.10 -7.92
C GLU A 239 -30.23 -12.67 -6.54
N ALA A 240 -28.93 -12.55 -6.19
CA ALA A 240 -28.41 -13.01 -4.89
C ALA A 240 -28.93 -12.18 -3.71
N GLY A 241 -29.43 -10.98 -3.95
CA GLY A 241 -30.00 -10.16 -2.90
C GLY A 241 -29.13 -9.04 -2.36
N PHE A 242 -28.02 -8.70 -3.07
CA PHE A 242 -27.18 -7.59 -2.64
C PHE A 242 -27.97 -6.29 -2.78
N PRO A 243 -27.97 -5.43 -1.77
CA PRO A 243 -28.70 -4.16 -1.88
C PRO A 243 -28.23 -3.32 -3.08
N PRO A 244 -29.10 -2.50 -3.66
CA PRO A 244 -28.67 -1.68 -4.82
C PRO A 244 -27.48 -0.76 -4.56
N GLY A 245 -26.55 -0.71 -5.50
CA GLY A 245 -25.40 0.16 -5.37
C GLY A 245 -24.18 -0.46 -4.70
N VAL A 246 -24.31 -1.67 -4.14
CA VAL A 246 -23.17 -2.35 -3.54
C VAL A 246 -22.15 -2.76 -4.63
N VAL A 247 -22.65 -3.20 -5.80
CA VAL A 247 -21.78 -3.50 -6.94
C VAL A 247 -22.33 -2.78 -8.16
N ASN A 248 -21.48 -2.00 -8.82
CA ASN A 248 -21.85 -1.27 -10.04
C ASN A 248 -20.79 -1.61 -11.09
N ILE A 249 -21.19 -1.74 -12.36
CA ILE A 249 -20.29 -2.19 -13.43
C ILE A 249 -20.39 -1.25 -14.60
N VAL A 250 -19.26 -0.70 -15.02
CA VAL A 250 -19.21 0.24 -16.14
C VAL A 250 -18.28 -0.27 -17.20
N PRO A 251 -18.80 -0.94 -18.24
CA PRO A 251 -17.93 -1.34 -19.35
C PRO A 251 -17.43 -0.13 -20.13
N GLY A 252 -16.32 -0.29 -20.83
CA GLY A 252 -15.70 0.79 -21.59
C GLY A 252 -14.20 0.66 -21.69
N PHE A 253 -13.56 1.71 -22.21
CA PHE A 253 -12.14 1.72 -22.50
C PHE A 253 -11.30 2.25 -21.32
N GLY A 254 -10.01 2.00 -21.39
CA GLY A 254 -9.09 2.39 -20.33
C GLY A 254 -8.91 3.87 -20.10
N PRO A 255 -8.51 4.66 -21.12
CA PRO A 255 -8.30 6.10 -20.89
C PRO A 255 -9.56 6.89 -20.56
N THR A 256 -10.74 6.30 -20.77
CA THR A 256 -11.99 6.95 -20.46
C THR A 256 -12.52 6.42 -19.08
N VAL A 257 -13.16 5.23 -19.01
CA VAL A 257 -13.72 4.66 -17.80
C VAL A 257 -12.64 4.36 -16.76
N GLY A 258 -11.57 3.69 -17.18
CA GLY A 258 -10.51 3.30 -16.27
C GLY A 258 -9.82 4.48 -15.63
N ALA A 259 -9.47 5.50 -16.42
CA ALA A 259 -8.85 6.69 -15.90
C ALA A 259 -9.85 7.51 -15.07
N ALA A 260 -11.16 7.48 -15.36
CA ALA A 260 -12.13 8.21 -14.50
C ALA A 260 -12.21 7.51 -13.11
N ILE A 261 -12.07 6.18 -13.07
CA ILE A 261 -12.07 5.44 -11.81
C ILE A 261 -10.78 5.76 -11.01
N SER A 262 -9.63 5.64 -11.64
CA SER A 262 -8.34 5.84 -10.97
C SER A 262 -8.15 7.27 -10.42
N SER A 263 -8.73 8.26 -11.10
CA SER A 263 -8.65 9.65 -10.69
C SER A 263 -9.81 10.13 -9.84
N HIS A 264 -10.85 9.30 -9.62
CA HIS A 264 -12.05 9.75 -8.92
C HIS A 264 -11.81 10.18 -7.50
N PRO A 265 -12.30 11.36 -7.11
CA PRO A 265 -12.09 11.82 -5.72
C PRO A 265 -12.95 11.11 -4.67
N GLN A 266 -14.00 10.40 -5.07
CA GLN A 266 -14.83 9.66 -4.11
C GLN A 266 -14.61 8.15 -4.17
N ILE A 267 -13.56 7.67 -4.84
CA ILE A 267 -13.22 6.25 -4.79
C ILE A 267 -12.11 6.15 -3.75
N ASN A 268 -12.25 5.28 -2.75
CA ASN A 268 -11.27 5.20 -1.66
C ASN A 268 -10.16 4.20 -1.91
N LYS A 269 -10.38 3.26 -2.83
CA LYS A 269 -9.40 2.20 -3.08
C LYS A 269 -9.57 1.71 -4.46
N ILE A 270 -8.45 1.29 -5.11
CA ILE A 270 -8.54 0.67 -6.41
C ILE A 270 -7.66 -0.57 -6.46
N ALA A 271 -8.16 -1.63 -7.09
CA ALA A 271 -7.37 -2.86 -7.31
C ALA A 271 -7.28 -2.98 -8.82
N PHE A 272 -6.06 -3.14 -9.34
CA PHE A 272 -5.86 -3.20 -10.78
C PHE A 272 -5.09 -4.46 -11.12
N THR A 273 -5.52 -5.16 -12.17
CA THR A 273 -4.75 -6.26 -12.74
C THR A 273 -4.54 -5.93 -14.24
N GLY A 274 -3.31 -5.99 -14.71
CA GLY A 274 -2.99 -5.66 -16.09
C GLY A 274 -1.51 -5.42 -16.30
N SER A 275 -1.15 -4.65 -17.33
CA SER A 275 0.27 -4.41 -17.64
C SER A 275 0.92 -3.48 -16.64
N THR A 276 2.24 -3.63 -16.50
CA THR A 276 3.06 -2.80 -15.63
C THR A 276 2.95 -1.33 -16.04
N GLU A 277 2.96 -1.04 -17.35
CA GLU A 277 2.86 0.34 -17.84
C GLU A 277 1.56 1.01 -17.42
N VAL A 278 0.41 0.31 -17.56
CA VAL A 278 -0.86 0.88 -17.16
C VAL A 278 -0.99 0.93 -15.62
N GLY A 279 -0.41 -0.04 -14.92
CA GLY A 279 -0.43 -0.04 -13.45
C GLY A 279 0.25 1.21 -12.89
N LYS A 280 1.33 1.63 -13.56
CA LYS A 280 2.04 2.86 -13.17
C LYS A 280 1.13 4.08 -13.34
N LEU A 281 0.39 4.15 -14.46
CA LEU A 281 -0.54 5.23 -14.73
C LEU A 281 -1.63 5.31 -13.68
N VAL A 282 -2.19 4.15 -13.32
CA VAL A 282 -3.25 4.08 -12.33
C VAL A 282 -2.74 4.56 -10.97
N LYS A 283 -1.57 4.07 -10.58
CA LYS A 283 -1.02 4.45 -9.29
C LYS A 283 -0.67 5.91 -9.22
N GLU A 284 -0.18 6.50 -10.34
CA GLU A 284 0.13 7.93 -10.38
C GLU A 284 -1.16 8.74 -10.32
N ALA A 285 -2.23 8.29 -11.01
CA ALA A 285 -3.52 8.98 -10.98
C ALA A 285 -4.12 8.93 -9.57
N ALA A 286 -3.93 7.81 -8.86
CA ALA A 286 -4.39 7.66 -7.48
C ALA A 286 -3.67 8.63 -6.55
N SER A 287 -2.36 8.79 -6.71
CA SER A 287 -1.57 9.69 -5.87
C SER A 287 -1.93 11.14 -6.14
N ARG A 288 -2.14 11.48 -7.41
CA ARG A 288 -2.44 12.85 -7.79
C ARG A 288 -3.82 13.31 -7.38
N SER A 289 -4.77 12.38 -7.30
CA SER A 289 -6.13 12.74 -6.96
C SER A 289 -6.37 12.78 -5.45
N ASN A 290 -6.70 11.65 -4.82
CA ASN A 290 -7.06 11.66 -3.41
C ASN A 290 -6.29 10.69 -2.56
N LEU A 291 -5.14 10.19 -3.07
CA LEU A 291 -4.35 9.21 -2.34
C LEU A 291 -5.13 7.94 -2.01
N LYS A 292 -6.04 7.52 -2.92
CA LYS A 292 -6.76 6.26 -2.76
C LYS A 292 -5.74 5.11 -2.67
N ARG A 293 -6.04 4.10 -1.85
N ARG A 293 -6.06 4.10 -1.85
CA ARG A 293 -5.14 2.98 -1.67
CA ARG A 293 -5.22 2.93 -1.66
C ARG A 293 -5.15 2.13 -2.94
C ARG A 293 -5.15 2.15 -2.97
N VAL A 294 -3.99 1.59 -3.32
CA VAL A 294 -3.86 0.87 -4.59
C VAL A 294 -3.29 -0.53 -4.44
N THR A 295 -3.88 -1.53 -5.11
CA THR A 295 -3.31 -2.87 -5.22
C THR A 295 -3.01 -3.03 -6.71
N LEU A 296 -1.84 -3.59 -7.06
CA LEU A 296 -1.49 -3.80 -8.46
C LEU A 296 -1.04 -5.25 -8.64
N GLU A 297 -1.58 -5.95 -9.63
CA GLU A 297 -1.17 -7.31 -9.96
C GLU A 297 -0.75 -7.17 -11.42
N LEU A 298 0.54 -7.20 -11.67
CA LEU A 298 1.07 -6.86 -12.98
C LEU A 298 1.71 -8.09 -13.67
N GLY A 299 2.51 -7.86 -14.70
CA GLY A 299 3.13 -8.96 -15.40
C GLY A 299 4.31 -9.54 -14.66
N GLY A 300 4.91 -10.53 -15.28
CA GLY A 300 6.11 -11.13 -14.76
C GLY A 300 7.00 -11.63 -15.88
N LYS A 301 8.23 -12.02 -15.52
CA LYS A 301 9.19 -12.66 -16.40
C LYS A 301 9.59 -13.84 -15.53
N ASN A 302 8.68 -14.78 -15.41
CA ASN A 302 8.77 -15.86 -14.43
C ASN A 302 9.72 -16.98 -14.78
N PRO A 303 10.66 -17.30 -13.87
CA PRO A 303 11.58 -18.39 -14.16
C PRO A 303 11.03 -19.76 -13.73
N CYS A 304 11.43 -20.80 -14.46
CA CYS A 304 11.04 -22.16 -14.15
C CYS A 304 12.36 -22.90 -14.16
N ILE A 305 12.85 -23.32 -12.98
CA ILE A 305 14.17 -23.91 -12.79
C ILE A 305 14.10 -25.42 -12.63
N VAL A 306 14.73 -26.16 -13.56
CA VAL A 306 14.70 -27.62 -13.57
C VAL A 306 16.07 -28.14 -13.23
N CYS A 307 16.21 -28.70 -12.03
CA CYS A 307 17.52 -29.20 -11.59
C CYS A 307 17.79 -30.60 -12.18
N ALA A 308 19.05 -31.03 -12.16
CA ALA A 308 19.45 -32.35 -12.66
C ALA A 308 18.80 -33.47 -11.84
N ASP A 309 18.54 -33.24 -10.54
CA ASP A 309 17.94 -34.28 -9.70
C ASP A 309 16.41 -34.24 -9.68
N ALA A 310 15.78 -33.55 -10.63
CA ALA A 310 14.34 -33.45 -10.68
C ALA A 310 13.72 -34.72 -11.20
N ASP A 311 12.41 -34.93 -10.97
CA ASP A 311 11.62 -35.98 -11.62
C ASP A 311 11.42 -35.32 -13.00
N LEU A 312 12.24 -35.72 -13.97
CA LEU A 312 12.27 -35.08 -15.27
C LEU A 312 10.96 -35.07 -16.00
N ASP A 313 10.19 -36.16 -15.97
CA ASP A 313 8.91 -36.22 -16.64
C ASP A 313 7.89 -35.25 -15.99
N LEU A 314 7.96 -35.08 -14.67
CA LEU A 314 7.05 -34.15 -13.98
C LEU A 314 7.44 -32.72 -14.39
N ALA A 315 8.74 -32.41 -14.40
CA ALA A 315 9.20 -31.09 -14.76
C ALA A 315 8.83 -30.75 -16.20
N VAL A 316 8.92 -31.73 -17.12
CA VAL A 316 8.54 -31.49 -18.53
C VAL A 316 7.05 -31.17 -18.64
N GLU A 317 6.19 -31.97 -18.00
CA GLU A 317 4.76 -31.75 -18.06
C GLU A 317 4.36 -30.42 -17.41
N CYS A 318 4.97 -30.09 -16.26
CA CYS A 318 4.65 -28.85 -15.55
C CYS A 318 5.10 -27.63 -16.30
N ALA A 319 6.36 -27.63 -16.79
CA ALA A 319 6.88 -26.50 -17.56
C ALA A 319 6.11 -26.34 -18.87
N HIS A 320 5.64 -27.44 -19.47
CA HIS A 320 4.82 -27.35 -20.70
C HIS A 320 3.50 -26.65 -20.36
N GLN A 321 2.75 -27.14 -19.37
CA GLN A 321 1.48 -26.51 -19.00
C GLN A 321 1.71 -25.06 -18.52
N GLY A 322 2.84 -24.82 -17.87
CA GLY A 322 3.20 -23.52 -17.34
C GLY A 322 3.52 -22.48 -18.38
N VAL A 323 3.89 -22.91 -19.59
CA VAL A 323 4.15 -22.01 -20.69
C VAL A 323 2.90 -21.90 -21.55
N PHE A 324 2.27 -23.04 -21.86
CA PHE A 324 1.19 -23.08 -22.85
C PHE A 324 -0.23 -22.90 -22.35
N PHE A 325 -0.48 -22.96 -21.03
CA PHE A 325 -1.83 -22.76 -20.49
C PHE A 325 -2.44 -21.41 -20.95
N ASN A 326 -3.70 -21.44 -21.37
CA ASN A 326 -4.48 -20.30 -21.83
C ASN A 326 -3.81 -19.63 -23.03
N GLN A 327 -3.32 -20.44 -23.99
CA GLN A 327 -2.63 -19.92 -25.18
C GLN A 327 -1.40 -19.10 -24.82
N GLY A 328 -0.75 -19.41 -23.70
CA GLY A 328 0.42 -18.66 -23.21
C GLY A 328 0.10 -17.28 -22.64
N GLN A 329 -1.18 -16.94 -22.53
CA GLN A 329 -1.64 -15.62 -22.08
C GLN A 329 -1.96 -15.60 -20.60
N CYS A 330 -0.97 -15.93 -19.79
N CYS A 330 -0.99 -15.97 -19.79
CA CYS A 330 -1.15 -15.99 -18.34
CA CYS A 330 -1.11 -16.03 -18.33
C CYS A 330 -0.02 -15.25 -17.68
C CYS A 330 -0.02 -15.20 -17.71
N CYS A 331 -0.31 -14.46 -16.64
CA CYS A 331 0.72 -13.70 -15.92
C CYS A 331 1.71 -14.66 -15.23
N THR A 332 1.28 -15.89 -14.93
CA THR A 332 2.09 -16.92 -14.32
C THR A 332 2.93 -17.71 -15.33
N ALA A 333 2.82 -17.44 -16.64
CA ALA A 333 3.58 -18.18 -17.64
C ALA A 333 5.07 -18.14 -17.42
N ALA A 334 5.73 -19.25 -17.67
CA ALA A 334 7.20 -19.29 -17.54
C ALA A 334 7.76 -18.54 -18.75
N SER A 335 8.49 -17.46 -18.50
CA SER A 335 9.13 -16.72 -19.60
C SER A 335 10.57 -17.28 -19.87
N ARG A 336 11.17 -17.96 -18.88
N ARG A 336 11.16 -17.98 -18.88
CA ARG A 336 12.49 -18.55 -19.02
CA ARG A 336 12.50 -18.50 -18.95
C ARG A 336 12.51 -19.89 -18.33
C ARG A 336 12.51 -19.89 -18.30
N VAL A 337 12.68 -20.97 -19.10
CA VAL A 337 12.75 -22.30 -18.55
C VAL A 337 14.21 -22.63 -18.44
N PHE A 338 14.80 -22.48 -17.24
CA PHE A 338 16.21 -22.75 -17.01
C PHE A 338 16.39 -24.25 -16.70
N VAL A 339 17.18 -24.97 -17.51
CA VAL A 339 17.40 -26.40 -17.31
C VAL A 339 18.86 -26.70 -17.06
N GLU A 340 19.16 -27.50 -16.02
CA GLU A 340 20.55 -27.83 -15.68
C GLU A 340 21.17 -28.63 -16.82
N GLU A 341 22.43 -28.34 -17.15
CA GLU A 341 23.13 -28.96 -18.29
C GLU A 341 23.01 -30.48 -18.36
N GLN A 342 23.10 -31.17 -17.21
CA GLN A 342 22.99 -32.63 -17.12
C GLN A 342 21.71 -33.20 -17.72
N VAL A 343 20.58 -32.45 -17.69
CA VAL A 343 19.33 -32.96 -18.27
C VAL A 343 18.77 -32.09 -19.41
N TYR A 344 19.51 -31.08 -19.82
CA TYR A 344 19.12 -30.14 -20.87
C TYR A 344 18.61 -30.81 -22.15
N SER A 345 19.44 -31.68 -22.77
CA SER A 345 19.08 -32.29 -24.04
C SER A 345 17.84 -33.14 -23.99
N GLU A 346 17.68 -33.93 -22.92
CA GLU A 346 16.49 -34.77 -22.77
C GLU A 346 15.25 -33.93 -22.44
N PHE A 347 15.44 -32.83 -21.69
CA PHE A 347 14.31 -31.95 -21.36
C PHE A 347 13.75 -31.34 -22.65
N VAL A 348 14.65 -30.80 -23.50
CA VAL A 348 14.28 -30.20 -24.80
C VAL A 348 13.53 -31.21 -25.64
N ARG A 349 14.08 -32.42 -25.77
CA ARG A 349 13.48 -33.50 -26.55
C ARG A 349 12.06 -33.85 -26.11
N ARG A 350 11.86 -34.04 -24.80
CA ARG A 350 10.53 -34.38 -24.30
C ARG A 350 9.56 -33.21 -24.42
N SER A 351 10.06 -31.96 -24.28
CA SER A 351 9.21 -30.77 -24.42
C SER A 351 8.72 -30.61 -25.85
N VAL A 352 9.57 -30.95 -26.84
CA VAL A 352 9.17 -30.87 -28.26
C VAL A 352 8.02 -31.82 -28.54
N GLU A 353 8.10 -33.06 -28.02
CA GLU A 353 7.03 -34.04 -28.18
C GLU A 353 5.71 -33.55 -27.59
N TYR A 354 5.75 -32.90 -26.41
CA TYR A 354 4.55 -32.35 -25.79
C TYR A 354 3.98 -31.24 -26.66
N ALA A 355 4.84 -30.31 -27.11
CA ALA A 355 4.40 -29.20 -27.93
C ALA A 355 3.77 -29.64 -29.24
N LYS A 356 4.33 -30.69 -29.87
CA LYS A 356 3.80 -31.20 -31.14
C LYS A 356 2.47 -31.92 -30.99
N LYS A 357 2.22 -32.53 -29.83
CA LYS A 357 0.97 -33.27 -29.61
C LYS A 357 -0.18 -32.41 -29.04
N ARG A 358 0.09 -31.16 -28.61
CA ARG A 358 -0.93 -30.27 -28.05
C ARG A 358 -2.04 -29.96 -29.06
N PRO A 359 -3.29 -30.41 -28.81
CA PRO A 359 -4.37 -30.13 -29.78
C PRO A 359 -4.84 -28.68 -29.82
N VAL A 360 -4.64 -28.02 -30.97
CA VAL A 360 -5.02 -26.64 -31.22
C VAL A 360 -6.27 -26.63 -32.11
N GLY A 361 -7.28 -25.81 -31.78
CA GLY A 361 -8.50 -25.76 -32.58
C GLY A 361 -9.64 -25.02 -31.92
N ASP A 362 -10.88 -25.31 -32.38
CA ASP A 362 -12.14 -24.74 -31.90
C ASP A 362 -12.24 -24.95 -30.39
N PRO A 363 -12.30 -23.84 -29.63
CA PRO A 363 -12.35 -23.95 -28.16
C PRO A 363 -13.53 -24.74 -27.59
N PHE A 364 -14.65 -24.81 -28.33
CA PHE A 364 -15.81 -25.58 -27.87
C PHE A 364 -15.68 -27.10 -28.09
N ASP A 365 -14.64 -27.56 -28.82
CA ASP A 365 -14.43 -29.00 -29.01
C ASP A 365 -13.74 -29.57 -27.77
N VAL A 366 -14.19 -30.74 -27.30
CA VAL A 366 -13.70 -31.40 -26.09
C VAL A 366 -12.18 -31.63 -26.10
N LYS A 367 -11.61 -31.96 -27.28
CA LYS A 367 -10.17 -32.23 -27.39
C LYS A 367 -9.26 -31.00 -27.33
N THR A 368 -9.80 -29.83 -27.60
CA THR A 368 -8.99 -28.61 -27.66
C THR A 368 -8.30 -28.22 -26.33
N GLU A 369 -6.98 -28.07 -26.38
CA GLU A 369 -6.13 -27.60 -25.29
C GLU A 369 -5.63 -26.16 -25.56
N GLN A 370 -5.75 -25.66 -26.80
CA GLN A 370 -5.28 -24.34 -27.15
C GLN A 370 -6.20 -23.74 -28.20
N GLY A 371 -6.79 -22.61 -27.86
CA GLY A 371 -7.64 -21.87 -28.79
C GLY A 371 -6.84 -20.81 -29.53
N PRO A 372 -7.52 -19.81 -30.11
CA PRO A 372 -6.78 -18.74 -30.79
C PRO A 372 -6.24 -17.71 -29.81
N GLN A 373 -5.33 -16.85 -30.29
CA GLN A 373 -4.86 -15.73 -29.50
C GLN A 373 -6.01 -14.70 -29.41
N ILE A 374 -5.93 -13.77 -28.44
CA ILE A 374 -7.03 -12.83 -28.19
C ILE A 374 -7.41 -11.96 -29.39
N ASP A 375 -6.42 -11.38 -30.07
CA ASP A 375 -6.68 -10.48 -31.19
C ASP A 375 -5.49 -10.36 -32.15
N GLN A 376 -5.66 -9.60 -33.25
CA GLN A 376 -4.62 -9.41 -34.25
C GLN A 376 -3.37 -8.77 -33.65
N LYS A 377 -3.53 -7.74 -32.80
CA LYS A 377 -2.41 -7.05 -32.15
C LYS A 377 -1.50 -8.02 -31.37
N GLN A 378 -2.11 -8.95 -30.60
CA GLN A 378 -1.34 -9.92 -29.82
C GLN A 378 -0.71 -10.96 -30.73
N PHE A 379 -1.48 -11.47 -31.70
CA PHE A 379 -1.07 -12.46 -32.69
C PHE A 379 0.17 -12.01 -33.48
N ASP A 380 0.20 -10.74 -33.92
CA ASP A 380 1.34 -10.19 -34.67
C ASP A 380 2.54 -9.98 -33.75
N LYS A 381 2.30 -9.59 -32.50
CA LYS A 381 3.37 -9.38 -31.53
C LYS A 381 4.08 -10.70 -31.24
N ILE A 382 3.32 -11.80 -31.08
CA ILE A 382 3.91 -13.12 -30.83
C ILE A 382 4.73 -13.60 -32.03
N LEU A 383 4.19 -13.40 -33.25
CA LEU A 383 4.90 -13.78 -34.48
C LEU A 383 6.18 -12.97 -34.66
N GLU A 384 6.18 -11.70 -34.25
CA GLU A 384 7.35 -10.83 -34.30
C GLU A 384 8.45 -11.38 -33.38
N LEU A 385 8.07 -11.81 -32.17
CA LEU A 385 9.02 -12.35 -31.21
C LEU A 385 9.59 -13.67 -31.70
N ILE A 386 8.77 -14.52 -32.33
CA ILE A 386 9.24 -15.78 -32.89
C ILE A 386 10.33 -15.53 -33.97
N GLU A 387 10.13 -14.51 -34.83
CA GLU A 387 11.12 -14.16 -35.87
C GLU A 387 12.40 -13.62 -35.23
N SER A 388 12.26 -12.81 -34.19
CA SER A 388 13.41 -12.28 -33.45
C SER A 388 14.25 -13.40 -32.81
N GLY A 389 13.61 -14.49 -32.41
CA GLY A 389 14.29 -15.64 -31.83
C GLY A 389 15.18 -16.29 -32.85
N LYS A 390 14.65 -16.45 -34.08
CA LYS A 390 15.37 -17.03 -35.22
C LYS A 390 16.57 -16.14 -35.60
N LYS A 391 16.36 -14.82 -35.72
CA LYS A 391 17.41 -13.88 -36.11
C LYS A 391 18.50 -13.66 -35.04
N GLU A 392 18.20 -13.98 -33.76
CA GLU A 392 19.21 -13.77 -32.71
C GLU A 392 20.03 -15.03 -32.36
N GLY A 393 19.73 -16.17 -32.99
CA GLY A 393 20.53 -17.37 -32.77
C GLY A 393 19.89 -18.55 -32.04
N ALA A 394 18.67 -18.40 -31.50
CA ALA A 394 18.02 -19.53 -30.81
C ALA A 394 17.62 -20.60 -31.81
N LYS A 395 17.69 -21.86 -31.40
CA LYS A 395 17.35 -22.99 -32.24
C LYS A 395 15.87 -23.29 -32.21
N LEU A 396 15.19 -23.16 -33.35
CA LEU A 396 13.78 -23.44 -33.45
C LEU A 396 13.56 -24.95 -33.50
N GLU A 397 12.99 -25.51 -32.42
CA GLU A 397 12.77 -26.94 -32.29
C GLU A 397 11.47 -27.42 -32.90
N CYS A 398 10.43 -26.59 -32.85
CA CYS A 398 9.09 -26.88 -33.40
C CYS A 398 8.26 -25.61 -33.49
N GLY A 399 7.17 -25.65 -34.26
CA GLY A 399 6.30 -24.49 -34.45
C GLY A 399 7.02 -23.37 -35.18
N GLY A 400 6.88 -22.15 -34.69
CA GLY A 400 7.55 -21.01 -35.28
C GLY A 400 6.75 -20.22 -36.31
N SER A 401 5.45 -20.54 -36.45
CA SER A 401 4.59 -19.85 -37.40
C SER A 401 3.09 -20.05 -37.08
N ALA A 402 2.19 -19.28 -37.72
CA ALA A 402 0.75 -19.43 -37.54
C ALA A 402 0.29 -20.81 -38.01
N MET A 403 -0.84 -21.30 -37.49
CA MET A 403 -1.35 -22.62 -37.85
C MET A 403 -1.82 -22.70 -39.33
N GLU A 404 -3.03 -22.21 -39.65
CA GLU A 404 -3.55 -22.26 -41.01
C GLU A 404 -3.93 -20.85 -41.43
N ASP A 405 -3.03 -20.17 -42.18
CA ASP A 405 -3.08 -18.80 -42.69
C ASP A 405 -4.49 -18.23 -42.96
N LYS A 406 -5.14 -17.71 -41.91
CA LYS A 406 -6.49 -17.11 -41.89
C LYS A 406 -6.93 -16.85 -40.43
N GLY A 407 -6.80 -17.85 -39.57
CA GLY A 407 -7.19 -17.73 -38.18
C GLY A 407 -6.14 -17.09 -37.29
N LEU A 408 -6.46 -16.93 -36.00
CA LEU A 408 -5.54 -16.34 -35.03
C LEU A 408 -4.79 -17.41 -34.23
N PHE A 409 -4.61 -18.60 -34.80
CA PHE A 409 -3.95 -19.69 -34.13
C PHE A 409 -2.46 -19.68 -34.42
N ILE A 410 -1.65 -19.98 -33.40
CA ILE A 410 -0.21 -20.04 -33.54
C ILE A 410 0.27 -21.43 -33.13
N LYS A 411 1.18 -22.03 -33.93
CA LYS A 411 1.67 -23.36 -33.62
C LYS A 411 2.50 -23.34 -32.34
N PRO A 412 2.27 -24.28 -31.38
CA PRO A 412 3.11 -24.33 -30.16
C PRO A 412 4.60 -24.35 -30.51
N THR A 413 5.32 -23.33 -30.06
CA THR A 413 6.72 -23.13 -30.45
C THR A 413 7.71 -23.36 -29.33
N VAL A 414 8.78 -24.15 -29.59
CA VAL A 414 9.84 -24.39 -28.62
C VAL A 414 11.17 -23.90 -29.17
N PHE A 415 11.91 -23.12 -28.38
CA PHE A 415 13.23 -22.67 -28.78
C PHE A 415 14.25 -23.19 -27.78
N SER A 416 15.33 -23.80 -28.27
CA SER A 416 16.43 -24.20 -27.41
C SER A 416 17.62 -23.24 -27.70
N GLU A 417 18.74 -23.38 -26.97
CA GLU A 417 19.93 -22.54 -27.07
C GLU A 417 19.64 -21.06 -26.80
N VAL A 418 18.64 -20.79 -25.94
CA VAL A 418 18.27 -19.42 -25.62
C VAL A 418 19.24 -18.85 -24.60
N THR A 419 19.62 -17.59 -24.76
CA THR A 419 20.50 -16.89 -23.83
C THR A 419 19.77 -15.67 -23.22
N ASP A 420 20.26 -15.18 -22.07
CA ASP A 420 19.66 -14.07 -21.33
C ASP A 420 19.48 -12.76 -22.08
N ASN A 421 20.37 -12.49 -23.04
CA ASN A 421 20.36 -11.24 -23.80
C ASN A 421 19.33 -11.23 -24.95
N MET A 422 18.78 -12.40 -25.31
CA MET A 422 17.79 -12.50 -26.38
C MET A 422 16.45 -11.87 -26.02
N ARG A 423 15.71 -11.37 -27.03
CA ARG A 423 14.41 -10.75 -26.80
C ARG A 423 13.41 -11.77 -26.25
N ILE A 424 13.39 -13.01 -26.79
CA ILE A 424 12.46 -14.03 -26.32
C ILE A 424 12.69 -14.46 -24.86
N ALA A 425 13.80 -14.05 -24.25
CA ALA A 425 14.11 -14.34 -22.85
C ALA A 425 13.89 -13.12 -21.95
N LYS A 426 13.84 -11.91 -22.53
CA LYS A 426 13.67 -10.67 -21.77
C LYS A 426 12.25 -10.17 -21.80
N GLU A 427 11.54 -10.38 -22.90
CA GLU A 427 10.20 -9.86 -23.09
C GLU A 427 9.09 -10.85 -22.78
N GLU A 428 8.00 -10.34 -22.16
CA GLU A 428 6.83 -11.14 -21.82
C GLU A 428 6.14 -11.38 -23.16
N ILE A 429 6.25 -12.61 -23.69
CA ILE A 429 5.70 -12.97 -25.00
C ILE A 429 4.20 -13.03 -24.98
N PHE A 430 3.61 -13.58 -23.90
CA PHE A 430 2.15 -13.72 -23.80
C PHE A 430 1.58 -14.55 -24.95
N GLY A 431 2.32 -15.57 -25.36
CA GLY A 431 1.93 -16.47 -26.44
C GLY A 431 2.49 -17.87 -26.25
N PRO A 432 2.14 -18.80 -27.14
CA PRO A 432 2.61 -20.19 -26.97
C PRO A 432 4.04 -20.44 -27.43
N VAL A 433 5.00 -19.84 -26.72
CA VAL A 433 6.42 -19.95 -27.04
C VAL A 433 7.20 -20.32 -25.76
N GLN A 434 7.95 -21.42 -25.82
CA GLN A 434 8.77 -21.93 -24.72
C GLN A 434 10.28 -21.74 -24.97
N PRO A 435 10.89 -20.77 -24.30
CA PRO A 435 12.33 -20.55 -24.46
C PRO A 435 13.08 -21.33 -23.37
N ILE A 436 13.92 -22.29 -23.78
CA ILE A 436 14.69 -23.15 -22.87
C ILE A 436 16.15 -22.71 -22.81
N LEU A 437 16.59 -22.29 -21.62
CA LEU A 437 17.93 -21.81 -21.34
C LEU A 437 18.70 -22.86 -20.52
N LYS A 438 20.04 -22.80 -20.56
CA LYS A 438 20.86 -23.77 -19.86
C LYS A 438 21.54 -23.13 -18.67
N PHE A 439 21.70 -23.88 -17.59
CA PHE A 439 22.47 -23.39 -16.44
C PHE A 439 23.38 -24.46 -15.87
N LYS A 440 24.39 -24.05 -15.12
CA LYS A 440 25.34 -24.98 -14.53
C LYS A 440 25.33 -25.03 -13.00
N SER A 441 25.15 -23.87 -12.31
CA SER A 441 25.16 -23.91 -10.85
C SER A 441 23.93 -23.22 -10.22
N ILE A 442 23.62 -23.56 -8.95
CA ILE A 442 22.50 -22.98 -8.24
C ILE A 442 22.71 -21.49 -8.04
N GLU A 443 23.91 -21.09 -7.61
CA GLU A 443 24.22 -19.68 -7.41
C GLU A 443 24.04 -18.87 -8.70
N GLU A 444 24.44 -19.45 -9.85
CA GLU A 444 24.33 -18.79 -11.14
C GLU A 444 22.87 -18.67 -11.55
N VAL A 445 22.08 -19.74 -11.37
CA VAL A 445 20.68 -19.67 -11.77
C VAL A 445 19.88 -18.74 -10.83
N ILE A 446 20.30 -18.58 -9.56
CA ILE A 446 19.61 -17.64 -8.66
C ILE A 446 19.87 -16.21 -9.17
N LYS A 447 21.13 -15.90 -9.51
CA LYS A 447 21.50 -14.57 -10.03
C LYS A 447 20.72 -14.23 -11.29
N ARG A 448 20.68 -15.16 -12.27
CA ARG A 448 20.00 -14.96 -13.54
C ARG A 448 18.49 -14.85 -13.38
N ALA A 449 17.93 -15.73 -12.55
CA ALA A 449 16.48 -15.70 -12.28
C ALA A 449 16.06 -14.38 -11.61
N ASN A 450 16.88 -13.82 -10.71
CA ASN A 450 16.55 -12.57 -10.03
C ASN A 450 17.02 -11.29 -10.74
N SER A 451 17.67 -11.39 -11.91
CA SER A 451 18.20 -10.20 -12.61
C SER A 451 17.14 -9.31 -13.29
N THR A 452 15.89 -9.72 -13.23
CA THR A 452 14.75 -9.02 -13.82
C THR A 452 14.23 -7.93 -12.88
N ASP A 453 13.47 -6.98 -13.41
CA ASP A 453 12.79 -5.98 -12.58
C ASP A 453 11.43 -6.54 -12.05
N TYR A 454 11.04 -7.76 -12.45
CA TYR A 454 9.77 -8.41 -12.11
C TYR A 454 9.96 -9.47 -11.01
N GLY A 455 8.87 -10.03 -10.51
CA GLY A 455 8.95 -11.02 -9.45
C GLY A 455 7.59 -11.58 -9.07
N LEU A 456 6.80 -12.04 -10.05
CA LEU A 456 5.46 -12.55 -9.74
C LEU A 456 5.52 -14.00 -9.21
N THR A 457 6.00 -14.93 -10.03
CA THR A 457 6.09 -16.34 -9.64
C THR A 457 7.44 -16.91 -10.07
N ALA A 458 7.78 -18.08 -9.52
CA ALA A 458 8.94 -18.90 -9.86
C ALA A 458 8.56 -20.36 -9.58
N ALA A 459 9.16 -21.32 -10.30
CA ALA A 459 8.93 -22.73 -10.01
C ALA A 459 10.28 -23.43 -10.03
N VAL A 460 10.44 -24.40 -9.13
CA VAL A 460 11.68 -25.15 -8.91
C VAL A 460 11.34 -26.64 -8.98
N PHE A 461 12.18 -27.45 -9.68
CA PHE A 461 11.93 -28.87 -9.76
C PHE A 461 13.17 -29.54 -9.31
N THR A 462 13.10 -30.21 -8.16
CA THR A 462 14.24 -30.91 -7.56
C THR A 462 13.70 -31.89 -6.49
N LYS A 463 14.40 -32.99 -6.33
CA LYS A 463 14.07 -33.95 -5.29
C LYS A 463 14.85 -33.67 -4.00
N ASN A 464 15.81 -32.73 -4.03
CA ASN A 464 16.66 -32.44 -2.90
C ASN A 464 16.03 -31.39 -1.98
N LEU A 465 15.93 -31.72 -0.68
CA LEU A 465 15.33 -30.88 0.36
C LEU A 465 16.06 -29.55 0.50
N ASP A 466 17.39 -29.58 0.61
CA ASP A 466 18.16 -28.36 0.79
C ASP A 466 18.09 -27.46 -0.41
N LYS A 467 18.22 -28.01 -1.61
CA LYS A 467 18.14 -27.22 -2.84
C LYS A 467 16.79 -26.53 -2.97
N ALA A 468 15.69 -27.26 -2.73
CA ALA A 468 14.35 -26.72 -2.85
C ALA A 468 14.12 -25.56 -1.88
N LEU A 469 14.55 -25.71 -0.63
CA LEU A 469 14.36 -24.67 0.38
C LEU A 469 15.30 -23.49 0.20
N LYS A 470 16.53 -23.74 -0.28
CA LYS A 470 17.46 -22.65 -0.54
C LYS A 470 16.96 -21.82 -1.72
N LEU A 471 16.42 -22.47 -2.76
CA LEU A 471 15.88 -21.75 -3.90
C LEU A 471 14.61 -21.00 -3.52
N ALA A 472 13.70 -21.63 -2.74
CA ALA A 472 12.48 -20.96 -2.29
C ALA A 472 12.78 -19.67 -1.52
N SER A 473 13.83 -19.69 -0.72
CA SER A 473 14.22 -18.53 0.05
C SER A 473 14.91 -17.45 -0.81
N ALA A 474 15.76 -17.88 -1.75
CA ALA A 474 16.55 -16.93 -2.54
C ALA A 474 15.84 -16.31 -3.73
N LEU A 475 14.82 -16.96 -4.32
CA LEU A 475 14.16 -16.40 -5.48
C LEU A 475 13.25 -15.23 -5.08
N GLU A 476 13.43 -14.06 -5.72
CA GLU A 476 12.64 -12.86 -5.40
C GLU A 476 11.35 -12.89 -6.19
N SER A 477 10.40 -13.73 -5.75
CA SER A 477 9.12 -13.92 -6.41
C SER A 477 8.04 -14.06 -5.33
N GLY A 478 6.85 -13.54 -5.62
CA GLY A 478 5.73 -13.57 -4.67
C GLY A 478 5.20 -14.97 -4.41
N THR A 479 5.32 -15.88 -5.39
CA THR A 479 4.92 -17.27 -5.19
C THR A 479 6.05 -18.13 -5.74
N VAL A 480 6.50 -19.11 -4.95
CA VAL A 480 7.49 -20.06 -5.43
C VAL A 480 6.86 -21.45 -5.36
N TRP A 481 6.67 -22.09 -6.54
CA TRP A 481 6.12 -23.44 -6.63
C TRP A 481 7.28 -24.44 -6.63
N ILE A 482 7.16 -25.54 -5.87
CA ILE A 482 8.19 -26.58 -5.85
C ILE A 482 7.54 -27.88 -6.32
N ASN A 483 8.02 -28.44 -7.45
CA ASN A 483 7.51 -29.67 -8.05
C ASN A 483 6.07 -29.62 -8.46
N CYS A 484 5.63 -28.43 -8.88
CA CYS A 484 4.30 -28.14 -9.39
C CYS A 484 4.32 -26.79 -10.14
N TYR A 485 3.20 -26.45 -10.80
CA TYR A 485 3.09 -25.17 -11.52
C TYR A 485 1.64 -24.71 -11.51
N ASN A 486 1.39 -23.41 -11.37
CA ASN A 486 0.01 -22.87 -11.41
C ASN A 486 -0.88 -23.50 -10.31
N ALA A 487 -0.27 -23.82 -9.16
CA ALA A 487 -0.99 -24.40 -8.04
C ALA A 487 -1.51 -23.22 -7.19
N LEU A 488 -2.70 -22.76 -7.51
CA LEU A 488 -3.31 -21.62 -6.78
C LEU A 488 -4.41 -22.09 -5.88
N TYR A 489 -4.55 -21.40 -4.72
CA TYR A 489 -5.58 -21.71 -3.74
C TYR A 489 -6.20 -20.40 -3.29
N ALA A 490 -7.50 -20.40 -3.04
CA ALA A 490 -8.17 -19.18 -2.54
C ALA A 490 -7.58 -18.73 -1.18
N GLN A 491 -7.02 -19.68 -0.42
CA GLN A 491 -6.46 -19.44 0.90
C GLN A 491 -4.99 -19.05 0.89
N ALA A 492 -4.30 -19.11 -0.26
CA ALA A 492 -2.86 -18.79 -0.38
C ALA A 492 -2.71 -17.46 -1.11
N PRO A 493 -2.02 -16.47 -0.52
CA PRO A 493 -1.86 -15.18 -1.20
C PRO A 493 -1.07 -15.26 -2.48
N PHE A 494 -1.34 -14.32 -3.39
CA PHE A 494 -0.73 -14.25 -4.71
C PHE A 494 -0.47 -12.79 -5.04
N GLY A 495 0.71 -12.50 -5.54
CA GLY A 495 1.07 -11.14 -5.90
C GLY A 495 2.55 -11.00 -6.18
N GLY A 496 2.97 -9.82 -6.64
CA GLY A 496 4.36 -9.68 -7.05
C GLY A 496 5.31 -8.96 -6.13
N PHE A 497 6.58 -9.29 -6.29
CA PHE A 497 7.70 -8.54 -5.73
C PHE A 497 8.06 -7.52 -6.86
N LYS A 498 8.85 -6.51 -6.51
CA LYS A 498 9.42 -5.54 -7.43
C LYS A 498 8.35 -4.92 -8.36
N MET A 499 8.56 -4.88 -9.70
CA MET A 499 7.58 -4.27 -10.60
C MET A 499 6.45 -5.21 -11.04
N SER A 500 6.30 -6.38 -10.39
CA SER A 500 5.17 -7.26 -10.67
C SER A 500 3.91 -6.91 -9.82
N GLY A 501 4.03 -5.95 -8.91
CA GLY A 501 2.88 -5.54 -8.11
C GLY A 501 3.17 -5.01 -6.73
N ASN A 502 2.10 -4.54 -6.07
CA ASN A 502 2.02 -4.00 -4.72
C ASN A 502 0.77 -4.71 -4.11
N GLY A 503 0.90 -5.29 -2.91
CA GLY A 503 -0.22 -5.92 -2.25
C GLY A 503 -0.44 -7.34 -2.67
N ARG A 504 -1.40 -8.02 -2.02
CA ARG A 504 -1.69 -9.40 -2.34
C ARG A 504 -3.16 -9.61 -2.57
N GLU A 505 -3.47 -10.56 -3.43
CA GLU A 505 -4.84 -11.03 -3.61
C GLU A 505 -4.90 -12.46 -3.05
N LEU A 506 -6.09 -12.95 -2.62
CA LEU A 506 -6.29 -14.28 -2.04
C LEU A 506 -5.73 -14.37 -0.62
N GLY A 507 -6.13 -15.41 0.11
CA GLY A 507 -5.67 -15.62 1.47
C GLY A 507 -6.18 -14.60 2.46
N GLU A 508 -5.77 -14.75 3.73
CA GLU A 508 -6.13 -13.78 4.76
C GLU A 508 -5.56 -12.38 4.42
N TYR A 509 -4.42 -12.35 3.74
CA TYR A 509 -3.69 -11.14 3.32
C TYR A 509 -4.52 -10.22 2.45
N ALA A 510 -5.47 -10.79 1.69
CA ALA A 510 -6.32 -9.96 0.83
C ALA A 510 -7.14 -8.95 1.64
N LEU A 511 -7.53 -9.32 2.88
CA LEU A 511 -8.36 -8.48 3.75
C LEU A 511 -7.67 -7.17 4.14
N ALA A 512 -6.34 -7.19 4.31
CA ALA A 512 -5.62 -5.96 4.66
C ALA A 512 -5.75 -4.88 3.54
N GLU A 513 -5.98 -5.30 2.29
CA GLU A 513 -6.15 -4.36 1.19
C GLU A 513 -7.54 -3.74 1.18
N TYR A 514 -8.54 -4.35 1.86
CA TYR A 514 -9.93 -3.89 1.83
C TYR A 514 -10.44 -3.35 3.16
N THR A 515 -9.54 -3.11 4.11
CA THR A 515 -9.92 -2.56 5.41
C THR A 515 -8.95 -1.44 5.76
N GLU A 516 -9.39 -0.54 6.63
CA GLU A 516 -8.61 0.60 7.09
C GLU A 516 -8.50 0.44 8.62
N VAL A 517 -7.29 0.56 9.16
CA VAL A 517 -7.09 0.35 10.60
C VAL A 517 -7.41 1.60 11.42
N LYS A 518 -8.26 1.45 12.44
CA LYS A 518 -8.59 2.54 13.33
C LYS A 518 -8.16 2.18 14.77
N THR A 519 -7.40 3.04 15.44
CA THR A 519 -7.04 2.84 16.83
C THR A 519 -8.02 3.64 17.70
N VAL A 520 -8.62 3.02 18.72
CA VAL A 520 -9.49 3.73 19.65
C VAL A 520 -8.81 3.62 21.00
N THR A 521 -8.47 4.75 21.61
CA THR A 521 -7.72 4.75 22.87
C THR A 521 -8.56 5.52 23.90
N ILE A 522 -9.01 4.82 24.93
CA ILE A 522 -9.90 5.38 25.95
C ILE A 522 -9.15 5.48 27.26
N LYS A 523 -9.06 6.68 27.85
CA LYS A 523 -8.41 6.83 29.14
C LYS A 523 -9.49 6.90 30.22
N LEU A 524 -9.42 6.01 31.19
CA LEU A 524 -10.42 5.95 32.26
C LEU A 524 -10.05 6.97 33.31
N GLY A 525 -11.02 7.77 33.76
CA GLY A 525 -10.81 8.82 34.75
C GLY A 525 -10.47 8.35 36.14
N LEU B 37 15.17 16.90 37.57
CA LEU B 37 15.10 17.40 36.19
C LEU B 37 16.47 17.38 35.54
N PRO B 38 16.56 17.07 34.23
CA PRO B 38 17.86 17.09 33.56
C PRO B 38 18.37 18.51 33.34
N ARG B 39 19.69 18.72 33.44
CA ARG B 39 20.28 20.04 33.27
C ARG B 39 20.31 20.42 31.79
N PRO B 40 19.91 21.66 31.45
CA PRO B 40 19.95 22.08 30.05
C PRO B 40 21.39 22.23 29.53
N ILE B 41 21.60 21.99 28.23
CA ILE B 41 22.93 22.15 27.64
C ILE B 41 22.85 23.35 26.68
N ARG B 42 22.98 24.56 27.24
CA ARG B 42 22.80 25.81 26.50
C ARG B 42 23.94 26.17 25.51
N ASN B 43 25.12 25.52 25.58
CA ASN B 43 26.22 25.84 24.67
C ASN B 43 26.89 24.60 24.05
N LEU B 44 26.08 23.60 23.66
CA LEU B 44 26.54 22.35 23.07
C LEU B 44 27.20 22.56 21.70
N GLU B 45 28.28 21.82 21.42
CA GLU B 45 29.00 21.90 20.15
C GLU B 45 28.57 20.72 19.28
N VAL B 46 28.11 20.97 18.04
CA VAL B 46 27.68 19.87 17.17
C VAL B 46 28.92 19.19 16.58
N LYS B 47 29.02 17.87 16.74
CA LYS B 47 30.17 17.08 16.30
C LYS B 47 29.93 16.36 14.95
N PHE B 48 28.66 15.97 14.65
CA PHE B 48 28.37 15.23 13.42
C PHE B 48 27.66 16.07 12.38
N THR B 49 28.36 16.36 11.27
CA THR B 49 27.84 17.22 10.20
C THR B 49 28.01 16.65 8.81
N LYS B 50 28.48 15.41 8.69
CA LYS B 50 28.77 14.82 7.41
C LYS B 50 27.75 13.76 6.97
N ILE B 51 27.86 13.32 5.72
CA ILE B 51 27.04 12.25 5.15
C ILE B 51 27.55 10.91 5.74
N PHE B 52 26.61 10.06 6.16
CA PHE B 52 26.94 8.80 6.82
C PHE B 52 26.66 7.65 5.87
N ILE B 53 27.71 6.99 5.38
CA ILE B 53 27.59 5.90 4.44
C ILE B 53 28.61 4.83 4.86
N ASN B 54 28.19 3.56 4.94
CA ASN B 54 29.07 2.45 5.32
C ASN B 54 29.78 2.66 6.64
N ASN B 55 29.06 3.26 7.60
CA ASN B 55 29.55 3.57 8.94
C ASN B 55 30.74 4.54 8.95
N GLU B 56 30.87 5.35 7.92
CA GLU B 56 31.93 6.34 7.79
C GLU B 56 31.32 7.69 7.43
N TRP B 57 32.07 8.75 7.72
CA TRP B 57 31.65 10.11 7.50
C TRP B 57 32.28 10.67 6.25
N HIS B 58 31.43 11.22 5.37
CA HIS B 58 31.90 11.69 4.07
C HIS B 58 31.52 13.11 3.80
N GLU B 59 32.36 13.78 2.99
CA GLU B 59 32.00 15.09 2.52
C GLU B 59 31.06 14.87 1.34
N SER B 60 30.26 15.87 0.97
CA SER B 60 29.40 15.76 -0.22
C SER B 60 30.28 15.66 -1.47
N LYS B 61 29.81 14.93 -2.49
CA LYS B 61 30.57 14.76 -3.73
C LYS B 61 30.84 16.12 -4.40
N SER B 62 29.91 17.06 -4.30
CA SER B 62 30.06 18.39 -4.88
C SER B 62 30.91 19.37 -4.04
N GLY B 63 31.14 19.01 -2.78
CA GLY B 63 31.83 19.86 -1.82
C GLY B 63 30.90 20.87 -1.16
N LYS B 64 29.64 20.97 -1.62
CA LYS B 64 28.66 21.91 -1.09
C LYS B 64 28.21 21.59 0.33
N LYS B 65 27.84 22.66 1.06
CA LYS B 65 27.35 22.63 2.42
C LYS B 65 26.15 23.58 2.57
N PHE B 66 25.36 23.39 3.62
CA PHE B 66 24.24 24.27 3.92
C PHE B 66 24.23 24.57 5.40
N ALA B 67 23.62 25.69 5.78
CA ALA B 67 23.57 26.09 7.18
C ALA B 67 22.28 25.69 7.86
N THR B 68 22.36 25.47 9.16
CA THR B 68 21.20 25.20 9.98
C THR B 68 21.18 26.29 11.06
N CYS B 69 20.07 26.99 11.18
CA CYS B 69 19.94 28.06 12.15
C CYS B 69 19.05 27.68 13.32
N ASN B 70 19.34 28.26 14.48
CA ASN B 70 18.59 28.06 15.71
C ASN B 70 17.37 28.95 15.61
N PRO B 71 16.14 28.41 15.71
CA PRO B 71 14.95 29.26 15.58
C PRO B 71 14.71 30.25 16.71
N SER B 72 15.27 29.99 17.88
CA SER B 72 15.06 30.86 19.05
C SER B 72 15.87 32.15 18.94
N THR B 73 17.14 32.04 18.55
CA THR B 73 18.07 33.16 18.42
C THR B 73 18.15 33.72 16.99
N ARG B 74 17.81 32.90 15.99
CA ARG B 74 17.92 33.17 14.54
C ARG B 74 19.38 33.06 14.01
N GLU B 75 20.34 32.77 14.90
CA GLU B 75 21.76 32.63 14.62
C GLU B 75 22.06 31.30 13.93
N GLN B 76 23.18 31.24 13.17
CA GLN B 76 23.61 30.00 12.52
C GLN B 76 24.25 29.08 13.55
N ILE B 77 23.95 27.77 13.48
CA ILE B 77 24.50 26.76 14.39
C ILE B 77 25.78 26.16 13.80
N CYS B 78 25.72 25.69 12.55
CA CYS B 78 26.86 25.08 11.88
C CYS B 78 26.56 24.84 10.41
N GLU B 79 27.52 24.29 9.67
CA GLU B 79 27.33 23.92 8.30
C GLU B 79 27.32 22.39 8.23
N VAL B 80 26.42 21.85 7.43
CA VAL B 80 26.30 20.41 7.23
C VAL B 80 26.57 20.11 5.76
N GLU B 81 27.15 18.95 5.45
CA GLU B 81 27.37 18.53 4.07
C GLU B 81 26.02 18.44 3.34
N GLU B 82 25.98 18.98 2.12
CA GLU B 82 24.75 19.00 1.34
C GLU B 82 24.79 17.90 0.32
N GLY B 83 24.04 16.84 0.56
CA GLY B 83 23.99 15.74 -0.38
C GLY B 83 23.22 16.11 -1.63
N ASP B 84 23.44 15.35 -2.69
CA ASP B 84 22.68 15.43 -3.93
C ASP B 84 22.59 14.01 -4.54
N LYS B 85 22.06 13.85 -5.77
CA LYS B 85 21.91 12.56 -6.44
C LYS B 85 23.18 11.66 -6.38
N PRO B 86 24.43 12.14 -6.64
CA PRO B 86 25.58 11.24 -6.51
C PRO B 86 25.80 10.70 -5.09
N ASP B 87 25.43 11.46 -4.05
CA ASP B 87 25.59 10.98 -2.66
C ASP B 87 24.50 9.94 -2.36
N VAL B 88 23.28 10.14 -2.88
CA VAL B 88 22.18 9.17 -2.73
C VAL B 88 22.58 7.87 -3.43
N ASP B 89 23.15 7.95 -4.64
CA ASP B 89 23.58 6.73 -5.35
C ASP B 89 24.59 5.93 -4.57
N LYS B 90 25.52 6.63 -3.91
CA LYS B 90 26.55 5.98 -3.10
C LYS B 90 25.91 5.33 -1.86
N ALA B 91 24.94 6.01 -1.24
CA ALA B 91 24.24 5.51 -0.06
C ALA B 91 23.39 4.28 -0.43
N VAL B 92 22.70 4.31 -1.59
CA VAL B 92 21.84 3.22 -2.03
C VAL B 92 22.69 1.99 -2.38
N GLU B 93 23.85 2.20 -3.01
CA GLU B 93 24.75 1.08 -3.31
C GLU B 93 25.26 0.44 -2.02
N ALA B 94 25.60 1.24 -1.00
CA ALA B 94 26.02 0.67 0.29
C ALA B 94 24.87 -0.15 0.93
N ALA B 95 23.66 0.38 0.88
CA ALA B 95 22.47 -0.30 1.42
C ALA B 95 22.17 -1.61 0.68
N GLN B 96 22.37 -1.62 -0.64
CA GLN B 96 22.14 -2.82 -1.46
C GLN B 96 23.18 -3.89 -1.10
N VAL B 97 24.45 -3.46 -0.95
CA VAL B 97 25.51 -4.41 -0.61
C VAL B 97 25.27 -4.98 0.78
N ALA B 98 24.85 -4.13 1.74
CA ALA B 98 24.57 -4.63 3.09
C ALA B 98 23.34 -5.58 3.12
N PHE B 99 22.43 -5.48 2.15
CA PHE B 99 21.24 -6.32 2.11
C PHE B 99 21.41 -7.62 1.29
N GLN B 100 22.50 -7.74 0.53
CA GLN B 100 22.66 -8.91 -0.32
C GLN B 100 22.75 -10.20 0.51
N ARG B 101 22.23 -11.30 -0.06
CA ARG B 101 22.26 -12.63 0.59
C ARG B 101 23.68 -12.98 0.98
N GLY B 102 23.85 -13.51 2.18
CA GLY B 102 25.18 -13.89 2.65
C GLY B 102 25.91 -12.79 3.37
N SER B 103 25.37 -11.54 3.34
CA SER B 103 25.99 -10.42 4.03
C SER B 103 25.92 -10.62 5.55
N PRO B 104 26.78 -9.96 6.33
CA PRO B 104 26.69 -10.09 7.79
C PRO B 104 25.31 -9.71 8.34
N TRP B 105 24.67 -8.67 7.79
CA TRP B 105 23.33 -8.28 8.24
C TRP B 105 22.30 -9.37 7.93
N ARG B 106 22.29 -9.90 6.70
CA ARG B 106 21.33 -10.93 6.32
C ARG B 106 21.53 -12.25 7.05
N ARG B 107 22.77 -12.53 7.51
CA ARG B 107 23.10 -13.78 8.17
C ARG B 107 22.78 -13.81 9.65
N LEU B 108 22.65 -12.64 10.26
CA LEU B 108 22.30 -12.50 11.67
C LEU B 108 21.03 -13.27 12.01
N ASP B 109 21.01 -13.93 13.18
CA ASP B 109 19.78 -14.61 13.59
C ASP B 109 18.76 -13.55 14.02
N ALA B 110 17.50 -13.90 13.99
CA ALA B 110 16.41 -12.95 14.27
C ALA B 110 16.58 -12.26 15.63
N LEU B 111 16.93 -13.03 16.67
CA LEU B 111 17.10 -12.44 18.00
C LEU B 111 18.27 -11.45 18.07
N SER B 112 19.32 -11.62 17.25
CA SER B 112 20.47 -10.69 17.25
C SER B 112 20.11 -9.36 16.65
N ARG B 113 19.17 -9.31 15.68
CA ARG B 113 18.69 -8.00 15.20
C ARG B 113 17.94 -7.28 16.31
N GLY B 114 17.20 -8.02 17.14
CA GLY B 114 16.51 -7.43 18.28
C GLY B 114 17.50 -6.90 19.32
N ARG B 115 18.58 -7.64 19.55
CA ARG B 115 19.62 -7.20 20.50
C ARG B 115 20.27 -5.89 20.02
N LEU B 116 20.51 -5.75 18.71
CA LEU B 116 21.11 -4.52 18.18
C LEU B 116 20.21 -3.31 18.38
N LEU B 117 18.90 -3.46 18.16
CA LEU B 117 17.97 -2.37 18.39
C LEU B 117 17.91 -2.01 19.88
N HIS B 118 18.02 -3.03 20.78
CA HIS B 118 18.05 -2.73 22.22
C HIS B 118 19.34 -1.99 22.58
N GLN B 119 20.47 -2.34 21.93
CA GLN B 119 21.73 -1.66 22.20
C GLN B 119 21.67 -0.21 21.71
N LEU B 120 21.01 0.03 20.57
CA LEU B 120 20.82 1.39 20.06
C LEU B 120 19.95 2.19 21.02
N ALA B 121 18.87 1.57 21.58
CA ALA B 121 18.01 2.26 22.56
C ALA B 121 18.81 2.58 23.83
N ASP B 122 19.71 1.69 24.25
CA ASP B 122 20.57 1.95 25.43
C ASP B 122 21.45 3.19 25.19
N LEU B 123 22.01 3.33 23.99
CA LEU B 123 22.85 4.47 23.64
C LEU B 123 22.04 5.75 23.53
N VAL B 124 20.81 5.66 22.99
CA VAL B 124 19.92 6.82 22.90
C VAL B 124 19.58 7.29 24.33
N GLU B 125 19.37 6.33 25.27
CA GLU B 125 19.09 6.68 26.64
C GLU B 125 20.35 7.32 27.28
N ARG B 126 21.53 6.74 27.07
CA ARG B 126 22.77 7.29 27.62
C ARG B 126 23.03 8.73 27.13
N ASP B 127 22.81 9.00 25.83
CA ASP B 127 23.04 10.31 25.22
C ASP B 127 21.80 11.16 25.08
N ARG B 128 20.78 10.87 25.89
CA ARG B 128 19.49 11.53 25.88
C ARG B 128 19.55 13.05 26.02
N ALA B 129 20.39 13.56 26.95
CA ALA B 129 20.50 15.01 27.17
C ALA B 129 21.05 15.71 25.94
N THR B 130 22.10 15.13 25.28
CA THR B 130 22.73 15.67 24.09
C THR B 130 21.75 15.65 22.91
N LEU B 131 21.04 14.51 22.72
CA LEU B 131 20.06 14.42 21.63
C LEU B 131 18.95 15.43 21.81
N ALA B 132 18.45 15.60 23.04
CA ALA B 132 17.38 16.55 23.29
C ALA B 132 17.87 17.99 23.09
N ALA B 133 19.13 18.27 23.43
CA ALA B 133 19.71 19.60 23.24
C ALA B 133 19.84 19.90 21.75
N LEU B 134 20.31 18.95 20.93
CA LEU B 134 20.41 19.14 19.47
C LEU B 134 19.03 19.39 18.87
N GLU B 135 18.00 18.71 19.39
CA GLU B 135 16.64 18.86 18.88
C GLU B 135 16.11 20.25 19.23
N THR B 136 16.38 20.72 20.46
CA THR B 136 15.97 22.07 20.88
C THR B 136 16.72 23.13 20.04
N MET B 137 18.00 22.92 19.78
CA MET B 137 18.81 23.83 18.96
C MET B 137 18.24 23.94 17.52
N ASP B 138 17.85 22.80 16.93
CA ASP B 138 17.34 22.75 15.58
C ASP B 138 15.89 23.20 15.43
N THR B 139 15.02 22.85 16.38
CA THR B 139 13.58 23.12 16.24
C THR B 139 13.06 24.30 17.04
N GLY B 140 13.74 24.61 18.14
CA GLY B 140 13.26 25.65 19.03
C GLY B 140 12.29 25.15 20.09
N LYS B 141 11.95 23.84 20.10
CA LYS B 141 11.04 23.31 21.12
C LYS B 141 11.72 23.30 22.49
N PRO B 142 10.97 23.44 23.60
CA PRO B 142 11.61 23.46 24.93
C PRO B 142 12.41 22.19 25.21
N PHE B 143 13.59 22.36 25.82
CA PHE B 143 14.48 21.25 26.16
C PHE B 143 13.78 20.13 26.93
N LEU B 144 12.97 20.47 27.93
CA LEU B 144 12.26 19.45 28.71
C LEU B 144 11.24 18.69 27.87
N HIS B 145 10.68 19.33 26.83
CA HIS B 145 9.75 18.65 25.94
C HIS B 145 10.53 17.69 25.06
N ALA B 146 11.69 18.11 24.54
CA ALA B 146 12.51 17.22 23.73
C ALA B 146 13.00 16.03 24.53
N PHE B 147 13.34 16.25 25.80
CA PHE B 147 13.85 15.23 26.69
C PHE B 147 12.76 14.23 27.12
N PHE B 148 11.60 14.74 27.56
CA PHE B 148 10.55 13.89 28.12
C PHE B 148 9.48 13.42 27.13
N ILE B 149 9.39 14.04 25.97
CA ILE B 149 8.41 13.64 24.97
C ILE B 149 9.13 12.96 23.79
N ASP B 150 9.83 13.73 22.92
CA ASP B 150 10.54 13.22 21.75
C ASP B 150 11.45 12.06 22.07
N LEU B 151 12.38 12.24 23.03
CA LEU B 151 13.36 11.21 23.32
C LEU B 151 12.74 10.01 24.00
N GLU B 152 11.70 10.22 24.81
CA GLU B 152 10.99 9.09 25.44
C GLU B 152 10.32 8.26 24.35
N GLY B 153 9.71 8.92 23.36
CA GLY B 153 9.08 8.23 22.25
C GLY B 153 10.07 7.42 21.43
N CYS B 154 11.30 7.97 21.24
CA CYS B 154 12.33 7.28 20.49
C CYS B 154 12.73 6.00 21.20
N ILE B 155 13.02 6.09 22.50
CA ILE B 155 13.47 4.94 23.26
C ILE B 155 12.37 3.86 23.33
N ARG B 156 11.13 4.24 23.59
CA ARG B 156 10.02 3.28 23.67
C ARG B 156 9.74 2.61 22.32
N THR B 157 9.83 3.35 21.24
CA THR B 157 9.62 2.79 19.90
C THR B 157 10.73 1.80 19.59
N LEU B 158 12.00 2.17 19.84
CA LEU B 158 13.12 1.25 19.61
C LEU B 158 12.98 -0.06 20.38
N ARG B 159 12.70 0.03 21.69
N ARG B 159 12.70 0.03 21.69
CA ARG B 159 12.55 -1.17 22.54
CA ARG B 159 12.56 -1.17 22.53
C ARG B 159 11.38 -2.03 22.10
C ARG B 159 11.37 -2.03 22.14
N TYR B 160 10.26 -1.41 21.75
CA TYR B 160 9.07 -2.16 21.31
C TYR B 160 9.40 -2.98 20.04
N PHE B 161 9.97 -2.33 19.00
CA PHE B 161 10.29 -3.02 17.76
C PHE B 161 11.44 -4.00 17.91
N ALA B 162 12.36 -3.76 18.88
CA ALA B 162 13.43 -4.74 19.15
C ALA B 162 12.82 -6.12 19.52
N GLY B 163 11.71 -6.09 20.24
CA GLY B 163 11.02 -7.31 20.63
C GLY B 163 10.22 -7.99 19.54
N TRP B 164 9.96 -7.32 18.43
CA TRP B 164 9.22 -7.95 17.31
C TRP B 164 10.18 -8.76 16.40
N ALA B 165 11.51 -8.50 16.44
CA ALA B 165 12.41 -9.14 15.46
C ALA B 165 12.30 -10.66 15.38
N ASP B 166 12.19 -11.37 16.53
CA ASP B 166 12.04 -12.82 16.50
C ASP B 166 10.58 -13.28 16.59
N LYS B 167 9.64 -12.36 16.34
CA LYS B 167 8.20 -12.62 16.40
C LYS B 167 7.46 -12.27 15.10
N ILE B 168 8.20 -12.00 14.02
CA ILE B 168 7.64 -11.70 12.73
C ILE B 168 7.35 -13.06 12.15
N GLN B 169 6.08 -13.48 12.16
CA GLN B 169 5.74 -14.83 11.73
C GLN B 169 4.81 -14.88 10.54
N GLY B 170 5.10 -15.78 9.60
CA GLY B 170 4.19 -16.02 8.48
C GLY B 170 3.24 -17.13 8.86
N LYS B 171 2.61 -17.78 7.87
CA LYS B 171 1.59 -18.78 8.15
C LYS B 171 1.86 -20.10 7.48
N THR B 172 1.33 -21.21 8.03
CA THR B 172 1.27 -22.51 7.35
C THR B 172 -0.22 -22.61 6.98
N ILE B 173 -0.52 -22.81 5.70
CA ILE B 173 -1.89 -22.73 5.18
C ILE B 173 -2.38 -24.11 4.75
N PRO B 174 -3.55 -24.55 5.25
CA PRO B 174 -4.04 -25.88 4.84
C PRO B 174 -4.64 -25.81 3.46
N THR B 175 -4.29 -26.76 2.58
CA THR B 175 -4.78 -26.75 1.20
C THR B 175 -5.27 -28.17 0.90
N ASP B 176 -4.40 -29.05 0.33
CA ASP B 176 -4.65 -30.44 -0.05
C ASP B 176 -3.76 -31.36 0.76
N ASP B 177 -4.15 -32.63 0.85
CA ASP B 177 -3.41 -33.65 1.57
C ASP B 177 -1.98 -33.84 1.06
N ASN B 178 -1.73 -33.60 -0.22
CA ASN B 178 -0.38 -33.78 -0.76
C ASN B 178 0.39 -32.46 -0.96
N VAL B 179 -0.06 -31.36 -0.33
CA VAL B 179 0.61 -30.06 -0.52
C VAL B 179 1.03 -29.41 0.79
N VAL B 180 2.22 -28.82 0.80
CA VAL B 180 2.74 -28.05 1.95
C VAL B 180 2.82 -26.58 1.50
N CYS B 181 1.93 -25.71 2.01
CA CYS B 181 1.86 -24.31 1.61
C CYS B 181 2.13 -23.43 2.80
N PHE B 182 3.02 -22.46 2.62
CA PHE B 182 3.34 -21.54 3.70
C PHE B 182 3.76 -20.16 3.20
N THR B 183 3.74 -19.16 4.10
CA THR B 183 4.18 -17.82 3.73
C THR B 183 5.40 -17.42 4.54
N ARG B 184 6.29 -16.66 3.92
CA ARG B 184 7.47 -16.05 4.52
C ARG B 184 7.22 -14.55 4.50
N HIS B 185 7.50 -13.88 5.61
CA HIS B 185 7.38 -12.42 5.68
C HIS B 185 8.79 -11.89 5.57
N GLU B 186 9.23 -11.69 4.34
CA GLU B 186 10.62 -11.32 4.09
C GLU B 186 10.85 -9.85 4.19
N PRO B 187 12.08 -9.39 4.49
CA PRO B 187 12.37 -7.95 4.38
C PRO B 187 12.21 -7.49 2.93
N ILE B 188 11.76 -6.24 2.70
CA ILE B 188 11.58 -5.72 1.33
C ILE B 188 12.90 -5.41 0.65
N GLY B 189 13.83 -4.83 1.40
CA GLY B 189 15.11 -4.45 0.83
C GLY B 189 15.57 -3.09 1.30
N VAL B 190 15.96 -2.23 0.36
CA VAL B 190 16.44 -0.89 0.70
C VAL B 190 15.25 0.06 0.91
N CYS B 191 15.14 0.60 2.11
CA CYS B 191 14.08 1.49 2.51
C CYS B 191 14.57 2.92 2.64
N GLY B 192 13.93 3.83 1.92
CA GLY B 192 14.19 5.26 2.05
C GLY B 192 13.27 5.84 3.11
N ALA B 193 13.75 6.79 3.92
CA ALA B 193 12.93 7.44 4.94
C ALA B 193 13.09 8.96 4.79
N ILE B 194 11.98 9.69 4.60
CA ILE B 194 12.03 11.15 4.41
C ILE B 194 11.19 11.77 5.51
N THR B 195 11.79 12.61 6.37
CA THR B 195 11.08 13.13 7.53
C THR B 195 10.99 14.65 7.59
N PRO B 196 10.10 15.20 8.45
CA PRO B 196 9.91 16.65 8.50
C PRO B 196 10.67 17.33 9.65
N TRP B 197 10.51 18.66 9.78
CA TRP B 197 11.21 19.41 10.82
C TRP B 197 10.54 19.42 12.20
N ASN B 198 9.23 19.08 12.36
CA ASN B 198 8.58 19.27 13.66
C ASN B 198 8.98 18.25 14.76
N PHE B 199 9.14 16.96 14.42
CA PHE B 199 9.60 15.94 15.40
C PHE B 199 10.68 15.16 14.65
N PRO B 200 11.84 15.79 14.44
CA PRO B 200 12.85 15.19 13.55
C PRO B 200 13.27 13.78 13.91
N LEU B 201 13.83 13.58 15.09
CA LEU B 201 14.36 12.28 15.44
C LEU B 201 13.23 11.28 15.62
N LEU B 202 12.13 11.68 16.25
CA LEU B 202 11.01 10.76 16.47
C LEU B 202 10.41 10.19 15.18
N MET B 203 10.21 11.02 14.16
CA MET B 203 9.62 10.55 12.89
C MET B 203 10.58 9.63 12.13
N LEU B 204 11.88 9.83 12.33
CA LEU B 204 12.89 8.97 11.73
C LEU B 204 12.85 7.60 12.46
N VAL B 205 12.82 7.59 13.81
CA VAL B 205 12.81 6.35 14.60
C VAL B 205 11.53 5.53 14.36
N TRP B 206 10.39 6.21 14.11
CA TRP B 206 9.16 5.48 13.79
C TRP B 206 9.32 4.63 12.50
N LYS B 207 10.25 4.99 11.62
CA LYS B 207 10.54 4.23 10.42
C LYS B 207 11.72 3.27 10.63
N LEU B 208 12.81 3.74 11.21
CA LEU B 208 14.00 2.93 11.42
C LEU B 208 13.74 1.70 12.35
N ALA B 209 13.00 1.88 13.45
CA ALA B 209 12.78 0.74 14.37
C ALA B 209 12.09 -0.47 13.66
N PRO B 210 10.92 -0.32 12.98
CA PRO B 210 10.33 -1.49 12.30
C PRO B 210 11.15 -1.94 11.10
N ALA B 211 11.77 -0.99 10.38
CA ALA B 211 12.54 -1.35 9.18
C ALA B 211 13.68 -2.29 9.51
N LEU B 212 14.47 -1.94 10.56
CA LEU B 212 15.60 -2.77 10.98
C LEU B 212 15.19 -4.06 11.67
N CYS B 213 14.13 -4.00 12.47
CA CYS B 213 13.67 -5.22 13.14
C CYS B 213 13.20 -6.29 12.10
N CYS B 214 12.70 -5.82 10.91
CA CYS B 214 12.31 -6.69 9.80
C CYS B 214 13.49 -7.15 8.92
N GLY B 215 14.69 -6.60 9.11
CA GLY B 215 15.85 -7.02 8.35
C GLY B 215 16.19 -6.21 7.11
N ASN B 216 15.56 -5.03 6.95
CA ASN B 216 15.84 -4.18 5.78
C ASN B 216 17.11 -3.34 6.01
N THR B 217 17.57 -2.65 4.95
CA THR B 217 18.63 -1.65 5.04
C THR B 217 17.99 -0.30 4.65
N MET B 218 18.65 0.83 4.99
CA MET B 218 18.03 2.13 4.85
C MET B 218 18.89 3.26 4.34
N VAL B 219 18.21 4.24 3.72
CA VAL B 219 18.76 5.53 3.31
C VAL B 219 17.83 6.57 3.93
N LEU B 220 18.31 7.33 4.89
CA LEU B 220 17.52 8.33 5.59
C LEU B 220 17.81 9.73 5.03
N LYS B 221 16.77 10.58 4.94
CA LYS B 221 16.91 11.98 4.60
C LYS B 221 16.12 12.83 5.58
N PRO B 222 16.79 13.38 6.59
CA PRO B 222 16.09 14.30 7.51
C PRO B 222 15.77 15.61 6.82
N ALA B 223 14.86 16.41 7.40
CA ALA B 223 14.50 17.69 6.81
C ALA B 223 15.75 18.61 6.75
N GLU B 224 15.85 19.47 5.74
CA GLU B 224 16.99 20.40 5.65
C GLU B 224 17.03 21.35 6.86
N GLN B 225 15.86 21.70 7.42
CA GLN B 225 15.81 22.58 8.59
C GLN B 225 16.35 21.92 9.84
N THR B 226 16.29 20.57 9.94
CA THR B 226 16.67 19.84 11.16
C THR B 226 17.52 18.57 10.91
N PRO B 227 18.77 18.72 10.45
CA PRO B 227 19.59 17.52 10.18
C PRO B 227 20.35 16.96 11.37
N LEU B 228 20.50 17.71 12.47
CA LEU B 228 21.43 17.33 13.55
C LEU B 228 21.18 16.05 14.33
N THR B 229 19.95 15.81 14.83
CA THR B 229 19.72 14.59 15.62
C THR B 229 19.90 13.33 14.78
N ALA B 230 19.53 13.37 13.49
CA ALA B 230 19.69 12.22 12.61
C ALA B 230 21.19 11.88 12.47
N LEU B 231 22.05 12.90 12.27
CA LEU B 231 23.47 12.65 12.11
C LEU B 231 24.08 12.12 13.40
N TYR B 232 23.65 12.63 14.56
CA TYR B 232 24.12 12.11 15.84
C TYR B 232 23.68 10.64 16.01
N LEU B 233 22.43 10.32 15.61
CA LEU B 233 21.97 8.93 15.66
C LEU B 233 22.86 8.01 14.80
N GLY B 234 23.39 8.52 13.69
CA GLY B 234 24.31 7.77 12.85
C GLY B 234 25.53 7.29 13.62
N SER B 235 26.07 8.17 14.48
CA SER B 235 27.20 7.79 15.33
C SER B 235 26.82 6.67 16.31
N LEU B 236 25.59 6.70 16.85
CA LEU B 236 25.13 5.66 17.77
C LEU B 236 24.84 4.35 17.06
N ILE B 237 24.44 4.40 15.78
CA ILE B 237 24.19 3.19 14.99
C ILE B 237 25.50 2.43 14.78
N LYS B 238 26.57 3.17 14.46
CA LYS B 238 27.88 2.57 14.30
C LYS B 238 28.36 2.02 15.67
N GLU B 239 28.21 2.81 16.73
CA GLU B 239 28.63 2.37 18.07
C GLU B 239 27.83 1.14 18.58
N ALA B 240 26.55 1.05 18.21
CA ALA B 240 25.72 -0.10 18.61
C ALA B 240 26.17 -1.41 17.98
N GLY B 241 26.84 -1.34 16.84
CA GLY B 241 27.35 -2.54 16.20
C GLY B 241 26.62 -2.97 14.95
N PHE B 242 25.79 -2.08 14.36
CA PHE B 242 25.13 -2.43 13.10
C PHE B 242 26.18 -2.52 12.00
N PRO B 243 26.12 -3.55 11.15
CA PRO B 243 27.10 -3.66 10.06
C PRO B 243 27.05 -2.43 9.14
N PRO B 244 28.19 -2.03 8.55
CA PRO B 244 28.18 -0.88 7.63
C PRO B 244 27.20 -1.03 6.46
N GLY B 245 26.51 0.05 6.14
CA GLY B 245 25.55 0.08 5.04
C GLY B 245 24.12 -0.22 5.44
N VAL B 246 23.90 -0.74 6.65
CA VAL B 246 22.53 -1.07 7.11
C VAL B 246 21.73 0.24 7.28
N VAL B 247 22.38 1.30 7.78
CA VAL B 247 21.75 2.61 7.86
C VAL B 247 22.67 3.64 7.24
N ASN B 248 22.18 4.39 6.27
CA ASN B 248 22.93 5.48 5.61
C ASN B 248 22.10 6.75 5.70
N ILE B 249 22.76 7.92 5.88
CA ILE B 249 22.05 9.19 6.11
C ILE B 249 22.61 10.27 5.19
N VAL B 250 21.76 10.83 4.34
CA VAL B 250 22.15 11.89 3.41
C VAL B 250 21.39 13.18 3.67
N PRO B 251 21.96 14.14 4.40
CA PRO B 251 21.25 15.44 4.57
C PRO B 251 21.15 16.19 3.24
N GLY B 252 20.19 17.09 3.12
CA GLY B 252 20.00 17.87 1.90
C GLY B 252 18.57 18.33 1.72
N PHE B 253 18.31 18.92 0.56
CA PHE B 253 17.03 19.50 0.27
C PHE B 253 16.03 18.48 -0.33
N GLY B 254 14.77 18.80 -0.23
CA GLY B 254 13.71 17.94 -0.75
C GLY B 254 13.79 17.68 -2.24
N PRO B 255 13.72 18.75 -3.06
CA PRO B 255 13.73 18.55 -4.51
C PRO B 255 15.02 17.97 -5.10
N THR B 256 16.10 17.90 -4.28
CA THR B 256 17.37 17.36 -4.73
C THR B 256 17.53 15.91 -4.15
N VAL B 257 17.84 15.78 -2.85
CA VAL B 257 18.05 14.48 -2.23
C VAL B 257 16.76 13.70 -2.11
N GLY B 258 15.70 14.37 -1.67
CA GLY B 258 14.41 13.70 -1.49
C GLY B 258 13.89 13.12 -2.79
N ALA B 259 13.97 13.91 -3.88
CA ALA B 259 13.52 13.48 -5.20
C ALA B 259 14.39 12.36 -5.74
N ALA B 260 15.69 12.38 -5.46
CA ALA B 260 16.60 11.32 -5.89
C ALA B 260 16.23 10.01 -5.18
N ILE B 261 15.78 10.09 -3.91
CA ILE B 261 15.35 8.92 -3.16
C ILE B 261 14.03 8.39 -3.74
N SER B 262 13.03 9.24 -3.90
CA SER B 262 11.72 8.79 -4.38
C SER B 262 11.74 8.24 -5.79
N SER B 263 12.67 8.71 -6.64
CA SER B 263 12.75 8.22 -8.01
C SER B 263 13.82 7.12 -8.19
N HIS B 264 14.56 6.74 -7.15
CA HIS B 264 15.68 5.80 -7.30
C HIS B 264 15.26 4.41 -7.76
N PRO B 265 15.89 3.89 -8.83
CA PRO B 265 15.50 2.55 -9.32
C PRO B 265 15.91 1.40 -8.41
N GLN B 266 16.78 1.64 -7.40
CA GLN B 266 17.20 0.56 -6.50
C GLN B 266 16.77 0.74 -5.04
N ILE B 267 15.80 1.64 -4.78
CA ILE B 267 15.19 1.76 -3.47
C ILE B 267 13.86 1.00 -3.61
N ASN B 268 13.60 0.06 -2.72
CA ASN B 268 12.43 -0.81 -2.81
C ASN B 268 11.21 -0.29 -2.09
N LYS B 269 11.40 0.63 -1.14
CA LYS B 269 10.29 1.11 -0.33
C LYS B 269 10.64 2.49 0.21
N ILE B 270 9.63 3.35 0.37
CA ILE B 270 9.84 4.65 0.99
C ILE B 270 8.78 4.91 2.05
N ALA B 271 9.21 5.50 3.17
CA ALA B 271 8.28 5.95 4.20
C ALA B 271 8.49 7.46 4.30
N PHE B 272 7.41 8.23 4.23
CA PHE B 272 7.45 9.68 4.19
C PHE B 272 6.55 10.25 5.24
N THR B 273 7.03 11.26 5.97
CA THR B 273 6.20 12.02 6.89
C THR B 273 6.35 13.51 6.50
N GLY B 274 5.24 14.21 6.33
CA GLY B 274 5.29 15.62 5.96
C GLY B 274 3.99 16.14 5.36
N SER B 275 4.09 17.13 4.48
CA SER B 275 2.90 17.73 3.90
C SER B 275 2.24 16.82 2.87
N THR B 276 0.92 16.98 2.71
CA THR B 276 0.13 16.23 1.76
C THR B 276 0.62 16.45 0.35
N GLU B 277 0.97 17.71 0.01
CA GLU B 277 1.45 18.06 -1.32
C GLU B 277 2.73 17.34 -1.66
N VAL B 278 3.70 17.32 -0.72
CA VAL B 278 4.95 16.63 -0.99
C VAL B 278 4.72 15.10 -0.97
N GLY B 279 3.89 14.60 -0.08
CA GLY B 279 3.53 13.18 -0.06
C GLY B 279 2.97 12.70 -1.39
N LYS B 280 2.12 13.53 -2.05
CA LYS B 280 1.61 13.15 -3.38
C LYS B 280 2.74 13.09 -4.41
N LEU B 281 3.68 14.05 -4.39
CA LEU B 281 4.80 14.05 -5.31
C LEU B 281 5.69 12.83 -5.12
N VAL B 282 5.95 12.45 -3.85
CA VAL B 282 6.80 11.31 -3.56
C VAL B 282 6.13 10.02 -4.08
N LYS B 283 4.84 9.85 -3.78
CA LYS B 283 4.13 8.64 -4.22
C LYS B 283 4.05 8.56 -5.74
N GLU B 284 3.91 9.73 -6.42
CA GLU B 284 3.90 9.77 -7.90
C GLU B 284 5.24 9.37 -8.48
N ALA B 285 6.35 9.92 -7.96
CA ALA B 285 7.68 9.59 -8.44
C ALA B 285 8.03 8.12 -8.17
N ALA B 286 7.57 7.59 -7.02
CA ALA B 286 7.78 6.19 -6.69
C ALA B 286 7.07 5.30 -7.71
N SER B 287 5.85 5.68 -8.11
CA SER B 287 5.08 4.91 -9.07
C SER B 287 5.67 5.03 -10.47
N ARG B 288 6.13 6.22 -10.84
CA ARG B 288 6.72 6.46 -12.13
C ARG B 288 8.02 5.71 -12.35
N SER B 289 8.80 5.52 -11.29
CA SER B 289 10.10 4.88 -11.42
C SER B 289 10.03 3.33 -11.37
N ASN B 290 10.01 2.71 -10.19
CA ASN B 290 10.06 1.26 -10.08
C ASN B 290 8.96 0.67 -9.24
N LEU B 291 7.86 1.40 -9.01
CA LEU B 291 6.75 0.91 -8.20
C LEU B 291 7.16 0.51 -6.81
N LYS B 292 8.09 1.27 -6.22
CA LYS B 292 8.52 1.04 -4.85
C LYS B 292 7.31 1.27 -3.92
N ARG B 293 7.19 0.50 -2.85
N ARG B 293 7.20 0.48 -2.85
CA ARG B 293 6.06 0.61 -1.92
CA ARG B 293 6.13 0.57 -1.87
C ARG B 293 6.19 1.88 -1.08
C ARG B 293 6.21 1.93 -1.15
N VAL B 294 5.07 2.57 -0.81
CA VAL B 294 5.11 3.87 -0.11
C VAL B 294 4.18 3.99 1.08
N THR B 295 4.74 4.35 2.25
CA THR B 295 3.93 4.67 3.43
C THR B 295 3.92 6.21 3.52
N LEU B 296 2.75 6.81 3.76
CA LEU B 296 2.65 8.27 3.91
C LEU B 296 1.99 8.60 5.23
N GLU B 297 2.54 9.57 5.98
CA GLU B 297 1.95 10.08 7.23
C GLU B 297 1.90 11.56 7.00
N LEU B 298 0.68 12.07 6.79
CA LEU B 298 0.50 13.43 6.33
C LEU B 298 -0.27 14.30 7.35
N GLY B 299 -0.76 15.45 6.93
CA GLY B 299 -1.49 16.32 7.85
C GLY B 299 -2.91 15.89 8.09
N GLY B 300 -3.60 16.66 8.89
CA GLY B 300 -5.00 16.43 9.15
C GLY B 300 -5.72 17.73 9.39
N LYS B 301 -7.03 17.63 9.56
CA LYS B 301 -7.94 18.72 9.94
C LYS B 301 -8.68 18.03 11.09
N ASN B 302 -7.96 17.81 12.20
CA ASN B 302 -8.43 16.98 13.30
C ASN B 302 -9.49 17.58 14.18
N PRO B 303 -10.62 16.86 14.36
CA PRO B 303 -11.66 17.38 15.23
C PRO B 303 -11.58 16.95 16.70
N CYS B 304 -12.16 17.76 17.59
N CYS B 304 -12.11 17.82 17.54
CA CYS B 304 -12.22 17.52 19.03
CA CYS B 304 -12.36 17.61 18.96
C CYS B 304 -13.68 17.79 19.46
C CYS B 304 -13.87 17.68 19.06
N ILE B 305 -14.49 16.72 19.72
CA ILE B 305 -15.94 16.75 19.93
C ILE B 305 -16.21 16.63 21.38
N VAL B 306 -16.78 17.71 21.98
CA VAL B 306 -17.07 17.82 23.39
C VAL B 306 -18.57 17.76 23.60
N CYS B 307 -19.05 16.68 24.21
CA CYS B 307 -20.47 16.50 24.47
C CYS B 307 -20.86 17.22 25.74
N ALA B 308 -22.16 17.49 25.92
CA ALA B 308 -22.68 18.19 27.10
C ALA B 308 -22.45 17.41 28.40
N ASP B 309 -22.34 16.08 28.33
CA ASP B 309 -22.11 15.29 29.53
C ASP B 309 -20.62 14.99 29.79
N ALA B 310 -19.70 15.70 29.09
CA ALA B 310 -18.27 15.49 29.29
C ALA B 310 -17.84 15.99 30.69
N ASP B 311 -16.63 15.61 31.15
CA ASP B 311 -15.99 16.21 32.32
C ASP B 311 -15.43 17.47 31.65
N LEU B 312 -16.12 18.62 31.82
CA LEU B 312 -15.78 19.84 31.10
C LEU B 312 -14.37 20.34 31.32
N ASP B 313 -13.84 20.27 32.54
CA ASP B 313 -12.48 20.72 32.79
C ASP B 313 -11.46 19.82 32.07
N LEU B 314 -11.74 18.50 31.99
CA LEU B 314 -10.87 17.58 31.25
C LEU B 314 -10.91 17.94 29.76
N ALA B 315 -12.11 18.16 29.22
CA ALA B 315 -12.25 18.53 27.81
C ALA B 315 -11.54 19.85 27.52
N VAL B 316 -11.68 20.87 28.40
CA VAL B 316 -11.00 22.15 28.18
C VAL B 316 -9.44 21.95 28.16
N GLU B 317 -8.90 21.23 29.15
CA GLU B 317 -7.45 21.01 29.24
C GLU B 317 -6.90 20.17 28.06
N CYS B 318 -7.59 19.09 27.67
CA CYS B 318 -7.15 18.27 26.56
C CYS B 318 -7.24 19.03 25.25
N ALA B 319 -8.36 19.73 24.99
CA ALA B 319 -8.48 20.51 23.76
C ALA B 319 -7.48 21.68 23.73
N HIS B 320 -7.07 22.19 24.91
CA HIS B 320 -6.06 23.24 25.00
C HIS B 320 -4.73 22.66 24.54
N GLN B 321 -4.27 21.55 25.16
CA GLN B 321 -3.03 20.91 24.75
C GLN B 321 -3.07 20.46 23.29
N GLY B 322 -4.23 20.03 22.82
CA GLY B 322 -4.40 19.61 21.45
C GLY B 322 -4.15 20.72 20.46
N VAL B 323 -4.64 21.92 20.76
CA VAL B 323 -4.47 23.06 19.89
C VAL B 323 -3.08 23.72 20.02
N PHE B 324 -2.63 23.92 21.26
CA PHE B 324 -1.40 24.68 21.57
C PHE B 324 -0.10 23.90 21.75
N PHE B 325 -0.14 22.56 21.83
CA PHE B 325 1.10 21.78 21.98
C PHE B 325 2.03 21.98 20.78
N ASN B 326 3.34 22.08 21.07
CA ASN B 326 4.41 22.32 20.11
C ASN B 326 4.13 23.57 19.29
N GLN B 327 3.60 24.61 19.94
CA GLN B 327 3.26 25.85 19.26
C GLN B 327 2.17 25.68 18.17
N GLY B 328 1.42 24.56 18.22
CA GLY B 328 0.40 24.18 17.24
C GLY B 328 0.98 23.45 16.03
N GLN B 329 2.30 23.21 16.01
CA GLN B 329 3.02 22.61 14.89
C GLN B 329 3.14 21.11 15.04
N CYS B 330 1.99 20.43 15.08
N CYS B 330 1.98 20.45 15.09
CA CYS B 330 1.97 18.98 15.27
CA CYS B 330 1.84 19.02 15.27
C CYS B 330 0.88 18.40 14.38
C CYS B 330 0.89 18.47 14.23
N CYS B 331 1.15 17.25 13.74
CA CYS B 331 0.19 16.58 12.87
C CYS B 331 -1.11 16.22 13.63
N THR B 332 -1.01 15.98 14.94
CA THR B 332 -2.15 15.65 15.79
C THR B 332 -2.93 16.89 16.27
N ALA B 333 -2.51 18.12 15.92
CA ALA B 333 -3.21 19.33 16.38
C ALA B 333 -4.71 19.33 16.09
N ALA B 334 -5.50 19.82 17.05
CA ALA B 334 -6.93 19.97 16.88
C ALA B 334 -7.14 21.25 16.08
N SER B 335 -7.79 21.15 14.95
CA SER B 335 -8.06 22.31 14.11
C SER B 335 -9.54 22.75 14.19
N ARG B 336 -10.44 21.90 14.74
CA ARG B 336 -11.85 22.21 14.86
C ARG B 336 -12.32 21.66 16.20
N VAL B 337 -12.78 22.51 17.13
CA VAL B 337 -13.28 22.04 18.42
C VAL B 337 -14.80 22.18 18.38
N PHE B 338 -15.51 21.07 18.21
CA PHE B 338 -16.96 21.06 18.18
C PHE B 338 -17.48 20.90 19.59
N VAL B 339 -18.30 21.86 20.06
CA VAL B 339 -18.82 21.83 21.41
C VAL B 339 -20.33 21.86 21.42
N GLU B 340 -20.96 20.94 22.18
CA GLU B 340 -22.41 20.86 22.22
C GLU B 340 -23.01 22.15 22.81
N GLU B 341 -24.10 22.64 22.20
CA GLU B 341 -24.73 23.92 22.60
C GLU B 341 -24.91 24.11 24.11
N GLN B 342 -25.29 23.06 24.84
CA GLN B 342 -25.52 23.11 26.29
C GLN B 342 -24.31 23.54 27.10
N VAL B 343 -23.08 23.20 26.64
CA VAL B 343 -21.87 23.59 27.39
C VAL B 343 -20.96 24.57 26.61
N TYR B 344 -21.41 25.01 25.43
CA TYR B 344 -20.68 25.90 24.54
C TYR B 344 -20.09 27.14 25.22
N SER B 345 -20.92 28.01 25.84
CA SER B 345 -20.39 29.25 26.45
C SER B 345 -19.43 29.01 27.58
N GLU B 346 -19.72 28.01 28.41
CA GLU B 346 -18.84 27.69 29.53
C GLU B 346 -17.52 27.11 29.03
N PHE B 347 -17.55 26.31 27.95
CA PHE B 347 -16.34 25.76 27.35
C PHE B 347 -15.50 26.92 26.80
N VAL B 348 -16.12 27.86 26.05
CA VAL B 348 -15.40 29.03 25.52
C VAL B 348 -14.75 29.83 26.65
N ARG B 349 -15.53 30.16 27.69
CA ARG B 349 -15.06 30.90 28.86
C ARG B 349 -13.85 30.27 29.54
N ARG B 350 -13.92 28.95 29.86
CA ARG B 350 -12.80 28.26 30.50
C ARG B 350 -11.62 28.12 29.54
N SER B 351 -11.89 27.97 28.22
CA SER B 351 -10.80 27.88 27.24
C SER B 351 -10.01 29.20 27.20
N VAL B 352 -10.72 30.34 27.26
CA VAL B 352 -10.08 31.66 27.25
C VAL B 352 -9.19 31.84 28.47
N GLU B 353 -9.63 31.40 29.65
CA GLU B 353 -8.82 31.47 30.87
C GLU B 353 -7.54 30.64 30.77
N TYR B 354 -7.60 29.46 30.12
CA TYR B 354 -6.45 28.56 29.96
C TYR B 354 -5.41 29.11 28.99
N ALA B 355 -5.87 29.73 27.91
CA ALA B 355 -4.98 30.24 26.87
C ALA B 355 -4.12 31.42 27.33
N LYS B 356 -4.63 32.23 28.27
CA LYS B 356 -3.89 33.39 28.75
C LYS B 356 -2.76 33.02 29.72
N LYS B 357 -2.87 31.89 30.42
CA LYS B 357 -1.85 31.49 31.40
C LYS B 357 -0.68 30.67 30.84
N ARG B 358 -0.65 30.39 29.52
CA ARG B 358 0.43 29.59 28.94
C ARG B 358 1.80 30.32 28.88
N PRO B 359 2.82 29.76 29.54
CA PRO B 359 4.15 30.40 29.53
C PRO B 359 4.91 30.19 28.22
N VAL B 360 5.28 31.32 27.58
CA VAL B 360 5.98 31.36 26.29
C VAL B 360 7.34 32.05 26.49
N GLY B 361 8.40 31.49 25.92
CA GLY B 361 9.74 32.07 26.06
C GLY B 361 10.88 31.20 25.59
N ASP B 362 12.02 31.27 26.31
CA ASP B 362 13.24 30.52 26.02
C ASP B 362 13.05 29.02 26.21
N PRO B 363 13.28 28.22 25.14
CA PRO B 363 13.11 26.76 25.28
C PRO B 363 13.92 26.08 26.38
N PHE B 364 15.18 26.50 26.60
CA PHE B 364 16.02 25.89 27.65
C PHE B 364 15.61 26.30 29.09
N ASP B 365 14.65 27.24 29.24
CA ASP B 365 14.18 27.64 30.56
C ASP B 365 13.07 26.68 31.01
N VAL B 366 13.19 26.12 32.23
CA VAL B 366 12.29 25.13 32.84
C VAL B 366 10.80 25.51 32.81
N LYS B 367 10.46 26.77 33.02
CA LYS B 367 9.07 27.23 33.05
C LYS B 367 8.41 27.33 31.67
N THR B 368 9.21 27.35 30.58
CA THR B 368 8.69 27.50 29.23
C THR B 368 7.90 26.31 28.70
N GLU B 369 6.67 26.57 28.29
CA GLU B 369 5.79 25.57 27.68
C GLU B 369 5.61 25.80 26.16
N GLN B 370 6.07 26.94 25.63
CA GLN B 370 5.95 27.28 24.21
C GLN B 370 7.15 28.08 23.72
N GLY B 371 7.92 27.51 22.80
CA GLY B 371 9.06 28.20 22.20
C GLY B 371 8.64 28.97 20.96
N PRO B 372 9.58 29.28 20.06
CA PRO B 372 9.21 30.04 18.84
C PRO B 372 8.69 29.14 17.72
N GLN B 373 8.06 29.74 16.70
CA GLN B 373 7.64 29.00 15.52
C GLN B 373 8.94 28.77 14.70
N ILE B 374 9.06 27.60 14.05
CA ILE B 374 10.26 27.21 13.29
C ILE B 374 10.90 28.34 12.44
N ASP B 375 10.12 29.02 11.59
CA ASP B 375 10.65 30.06 10.71
C ASP B 375 9.64 31.19 10.39
N GLN B 376 10.09 32.22 9.65
CA GLN B 376 9.30 33.37 9.23
C GLN B 376 8.11 32.95 8.37
N LYS B 377 8.30 31.99 7.48
CA LYS B 377 7.22 31.50 6.62
C LYS B 377 6.09 30.89 7.46
N GLN B 378 6.44 30.23 8.58
CA GLN B 378 5.43 29.64 9.46
C GLN B 378 4.77 30.75 10.30
N PHE B 379 5.57 31.64 10.92
CA PHE B 379 5.09 32.76 11.74
C PHE B 379 4.12 33.67 10.98
N ASP B 380 4.41 33.95 9.71
CA ASP B 380 3.54 34.80 8.89
C ASP B 380 2.29 34.06 8.42
N LYS B 381 2.39 32.73 8.26
CA LYS B 381 1.27 31.88 7.83
C LYS B 381 0.17 31.87 8.89
N ILE B 382 0.57 31.78 10.17
CA ILE B 382 -0.35 31.75 11.30
C ILE B 382 -1.01 33.11 11.49
N LEU B 383 -0.22 34.18 11.36
CA LEU B 383 -0.73 35.56 11.46
C LEU B 383 -1.79 35.85 10.40
N GLU B 384 -1.66 35.23 9.22
CA GLU B 384 -2.62 35.38 8.13
C GLU B 384 -3.58 34.19 8.11
N LEU B 385 -4.76 34.38 8.71
CA LEU B 385 -5.92 33.51 8.88
C LEU B 385 -6.83 34.09 9.99
N ILE B 386 -6.20 34.67 11.04
CA ILE B 386 -6.85 35.34 12.16
C ILE B 386 -7.69 36.54 11.67
N GLU B 387 -7.18 37.26 10.66
CA GLU B 387 -7.89 38.40 10.08
C GLU B 387 -9.16 37.94 9.38
N SER B 388 -9.08 36.80 8.67
CA SER B 388 -10.21 36.22 7.96
C SER B 388 -11.36 35.82 8.90
N GLY B 389 -11.01 35.39 10.11
CA GLY B 389 -11.98 34.99 11.12
C GLY B 389 -12.92 36.13 11.52
N LYS B 390 -12.34 37.27 11.90
CA LYS B 390 -13.10 38.47 12.26
C LYS B 390 -13.92 38.98 11.07
N LYS B 391 -13.39 38.85 9.86
CA LYS B 391 -14.09 39.30 8.65
C LYS B 391 -15.23 38.37 8.22
N GLU B 392 -15.19 37.10 8.63
CA GLU B 392 -16.23 36.15 8.22
C GLU B 392 -17.38 35.96 9.23
N GLY B 393 -17.27 36.59 10.40
CA GLY B 393 -18.34 36.51 11.39
C GLY B 393 -18.00 35.88 12.72
N ALA B 394 -16.79 35.35 12.86
CA ALA B 394 -16.37 34.70 14.10
C ALA B 394 -15.95 35.74 15.12
N LYS B 395 -16.27 35.49 16.39
CA LYS B 395 -15.94 36.38 17.48
C LYS B 395 -14.56 36.05 18.04
N LEU B 396 -13.63 36.99 17.97
CA LEU B 396 -12.30 36.78 18.55
C LEU B 396 -12.47 36.89 20.06
N GLU B 397 -11.98 35.90 20.81
CA GLU B 397 -12.13 35.90 22.26
C GLU B 397 -10.86 36.34 23.00
N CYS B 398 -9.69 36.03 22.46
CA CYS B 398 -8.41 36.40 23.07
C CYS B 398 -7.26 36.26 22.07
N GLY B 399 -6.13 36.92 22.35
CA GLY B 399 -4.96 36.89 21.48
C GLY B 399 -5.23 37.55 20.15
N GLY B 400 -4.68 37.00 19.08
CA GLY B 400 -4.93 37.50 17.74
C GLY B 400 -3.79 38.27 17.10
N SER B 401 -2.59 38.23 17.70
CA SER B 401 -1.43 38.94 17.18
C SER B 401 -0.09 38.31 17.67
N ALA B 402 1.05 38.84 17.20
CA ALA B 402 2.37 38.35 17.62
C ALA B 402 2.68 38.77 19.07
N MET B 403 3.59 38.07 19.72
CA MET B 403 3.94 38.34 21.11
C MET B 403 4.71 39.67 21.29
N GLU B 404 5.94 39.77 20.76
CA GLU B 404 6.75 40.97 20.90
C GLU B 404 7.76 41.09 19.75
N ASP B 405 8.29 42.31 19.52
CA ASP B 405 9.26 42.54 18.45
C ASP B 405 10.67 42.06 18.81
N LYS B 406 10.88 40.72 18.85
CA LYS B 406 12.18 40.13 19.19
C LYS B 406 12.36 38.74 18.57
N GLY B 407 11.36 37.87 18.77
CA GLY B 407 11.41 36.51 18.23
C GLY B 407 10.14 36.10 17.50
N LEU B 408 10.12 34.89 16.93
CA LEU B 408 8.97 34.37 16.20
C LEU B 408 7.91 33.75 17.14
N PHE B 409 7.37 34.54 18.08
CA PHE B 409 6.37 34.04 19.02
C PHE B 409 4.97 34.61 18.70
N ILE B 410 3.92 33.78 18.82
CA ILE B 410 2.55 34.22 18.54
C ILE B 410 1.65 33.95 19.76
N LYS B 411 0.76 34.90 20.07
CA LYS B 411 -0.13 34.81 21.23
C LYS B 411 -1.26 33.79 21.08
N PRO B 412 -1.46 32.94 22.11
CA PRO B 412 -2.55 31.95 22.06
C PRO B 412 -3.90 32.58 21.76
N THR B 413 -4.49 32.23 20.62
CA THR B 413 -5.73 32.82 20.13
C THR B 413 -6.92 31.87 20.17
N VAL B 414 -8.09 32.33 20.64
CA VAL B 414 -9.31 31.51 20.69
C VAL B 414 -10.44 32.21 19.92
N PHE B 415 -11.13 31.49 19.04
CA PHE B 415 -12.25 32.04 18.28
C PHE B 415 -13.56 31.34 18.63
N SER B 416 -14.63 32.09 18.88
CA SER B 416 -15.95 31.52 19.09
C SER B 416 -16.82 31.84 17.86
N GLU B 417 -18.05 31.31 17.82
CA GLU B 417 -19.00 31.49 16.74
C GLU B 417 -18.43 31.09 15.38
N VAL B 418 -17.63 30.00 15.35
CA VAL B 418 -17.04 29.53 14.11
C VAL B 418 -18.03 28.62 13.37
N THR B 419 -18.08 28.74 12.03
CA THR B 419 -18.93 27.91 11.17
C THR B 419 -18.06 27.11 10.18
N ASP B 420 -18.62 26.02 9.65
CA ASP B 420 -17.91 25.10 8.75
C ASP B 420 -17.34 25.70 7.48
N ASN B 421 -18.05 26.68 6.91
CA ASN B 421 -17.64 27.32 5.65
C ASN B 421 -16.53 28.37 5.83
N MET B 422 -16.12 28.68 7.07
CA MET B 422 -15.08 29.67 7.34
C MET B 422 -13.67 29.13 7.13
N ARG B 423 -12.73 30.04 6.83
CA ARG B 423 -11.34 29.71 6.58
C ARG B 423 -10.62 29.14 7.80
N ILE B 424 -10.91 29.65 9.01
CA ILE B 424 -10.27 29.12 10.22
C ILE B 424 -10.73 27.69 10.58
N ALA B 425 -11.81 27.22 9.98
CA ALA B 425 -12.33 25.87 10.19
C ALA B 425 -12.01 24.93 9.03
N LYS B 426 -11.64 25.47 7.85
CA LYS B 426 -11.34 24.67 6.67
C LYS B 426 -9.84 24.49 6.42
N GLU B 427 -8.98 25.34 7.00
CA GLU B 427 -7.55 25.24 6.71
C GLU B 427 -6.67 24.91 7.91
N GLU B 428 -5.65 24.08 7.69
CA GLU B 428 -4.71 23.69 8.74
C GLU B 428 -3.79 24.87 9.03
N ILE B 429 -4.07 25.56 10.14
CA ILE B 429 -3.35 26.75 10.59
C ILE B 429 -1.91 26.46 11.02
N PHE B 430 -1.66 25.28 11.59
CA PHE B 430 -0.34 24.88 12.09
C PHE B 430 0.24 25.88 13.11
N GLY B 431 -0.64 26.59 13.82
CA GLY B 431 -0.29 27.59 14.82
C GLY B 431 -1.25 27.63 16.00
N PRO B 432 -0.97 28.49 16.98
CA PRO B 432 -1.81 28.56 18.18
C PRO B 432 -3.15 29.30 18.05
N VAL B 433 -4.07 28.75 17.26
CA VAL B 433 -5.39 29.30 17.04
C VAL B 433 -6.42 28.19 17.32
N GLN B 434 -7.36 28.43 18.26
CA GLN B 434 -8.40 27.49 18.67
C GLN B 434 -9.77 27.88 18.18
N PRO B 435 -10.22 27.30 17.07
CA PRO B 435 -11.57 27.62 16.56
C PRO B 435 -12.61 26.75 17.26
N ILE B 436 -13.62 27.36 17.88
CA ILE B 436 -14.66 26.63 18.61
C ILE B 436 -16.01 26.70 17.90
N LEU B 437 -16.45 25.57 17.38
CA LEU B 437 -17.71 25.45 16.66
C LEU B 437 -18.80 24.89 17.56
N LYS B 438 -20.06 25.13 17.23
CA LYS B 438 -21.17 24.67 18.04
C LYS B 438 -21.95 23.58 17.31
N PHE B 439 -22.45 22.58 18.04
CA PHE B 439 -23.27 21.54 17.43
C PHE B 439 -24.48 21.20 18.33
N LYS B 440 -25.52 20.56 17.75
CA LYS B 440 -26.73 20.20 18.50
C LYS B 440 -26.94 18.71 18.65
N SER B 441 -26.61 17.90 17.63
CA SER B 441 -26.83 16.45 17.74
C SER B 441 -25.60 15.63 17.33
N ILE B 442 -25.55 14.36 17.78
CA ILE B 442 -24.48 13.40 17.48
C ILE B 442 -24.41 13.14 15.99
N GLU B 443 -25.56 12.82 15.35
CA GLU B 443 -25.60 12.59 13.91
C GLU B 443 -25.07 13.77 13.12
N GLU B 444 -25.45 14.98 13.52
CA GLU B 444 -25.00 16.22 12.87
C GLU B 444 -23.47 16.36 13.01
N VAL B 445 -22.93 16.19 14.22
CA VAL B 445 -21.51 16.38 14.46
C VAL B 445 -20.66 15.31 13.79
N ILE B 446 -21.21 14.10 13.58
CA ILE B 446 -20.51 13.04 12.86
C ILE B 446 -20.34 13.50 11.39
N LYS B 447 -21.42 13.95 10.76
CA LYS B 447 -21.38 14.41 9.37
C LYS B 447 -20.39 15.54 9.18
N ARG B 448 -20.43 16.55 10.07
CA ARG B 448 -19.53 17.70 10.01
C ARG B 448 -18.07 17.34 10.28
N ALA B 449 -17.81 16.52 11.31
CA ALA B 449 -16.45 16.09 11.60
C ALA B 449 -15.87 15.29 10.43
N ASN B 450 -16.69 14.48 9.73
CA ASN B 450 -16.21 13.67 8.60
C ASN B 450 -16.24 14.38 7.24
N SER B 451 -16.69 15.64 7.19
CA SER B 451 -16.85 16.35 5.90
C SER B 451 -15.56 16.90 5.30
N THR B 452 -14.43 16.39 5.73
CA THR B 452 -13.10 16.79 5.29
C THR B 452 -12.49 15.67 4.39
N ASP B 453 -11.46 16.01 3.60
CA ASP B 453 -10.73 14.98 2.83
C ASP B 453 -9.65 14.32 3.72
N TYR B 454 -9.49 14.72 4.97
CA TYR B 454 -8.47 14.24 5.90
C TYR B 454 -9.07 13.28 6.94
N GLY B 455 -8.23 12.66 7.74
CA GLY B 455 -8.68 11.71 8.74
C GLY B 455 -7.53 11.14 9.55
N LEU B 456 -6.70 12.00 10.14
CA LEU B 456 -5.58 11.51 10.96
C LEU B 456 -5.99 11.12 12.41
N THR B 457 -6.50 12.10 13.19
CA THR B 457 -6.91 11.83 14.56
C THR B 457 -8.27 12.52 14.84
N ALA B 458 -8.91 12.13 15.94
CA ALA B 458 -10.15 12.72 16.44
C ALA B 458 -10.15 12.50 17.94
N ALA B 459 -10.83 13.37 18.71
CA ALA B 459 -10.94 13.18 20.14
C ALA B 459 -12.35 13.48 20.57
N VAL B 460 -12.89 12.63 21.45
CA VAL B 460 -14.27 12.70 21.91
C VAL B 460 -14.25 12.82 23.41
N PHE B 461 -15.11 13.72 23.96
CA PHE B 461 -15.19 13.91 25.39
C PHE B 461 -16.66 13.72 25.81
N THR B 462 -16.91 12.66 26.61
CA THR B 462 -18.23 12.28 27.08
C THR B 462 -18.09 11.25 28.18
N LYS B 463 -18.99 11.30 29.13
CA LYS B 463 -19.04 10.27 30.18
C LYS B 463 -19.97 9.11 29.80
N ASN B 464 -20.67 9.21 28.65
CA ASN B 464 -21.66 8.26 28.20
C ASN B 464 -21.05 7.16 27.36
N LEU B 465 -21.26 5.92 27.79
CA LEU B 465 -20.75 4.73 27.10
C LEU B 465 -21.20 4.68 25.65
N ASP B 466 -22.52 4.80 25.39
CA ASP B 466 -23.05 4.69 24.04
C ASP B 466 -22.60 5.78 23.10
N LYS B 467 -22.50 7.01 23.57
CA LYS B 467 -22.04 8.11 22.71
C LYS B 467 -20.57 7.94 22.39
N ALA B 468 -19.77 7.53 23.37
CA ALA B 468 -18.35 7.32 23.13
C ALA B 468 -18.10 6.25 22.06
N LEU B 469 -18.80 5.09 22.15
CA LEU B 469 -18.61 4.01 21.19
C LEU B 469 -19.22 4.30 19.84
N LYS B 470 -20.35 4.96 19.82
CA LYS B 470 -20.97 5.33 18.54
C LYS B 470 -20.08 6.34 17.78
N LEU B 471 -19.55 7.35 18.48
CA LEU B 471 -18.67 8.32 17.84
C LEU B 471 -17.36 7.63 17.40
N ALA B 472 -16.77 6.77 18.25
CA ALA B 472 -15.53 6.06 17.88
C ALA B 472 -15.71 5.21 16.61
N SER B 473 -16.85 4.54 16.47
CA SER B 473 -17.11 3.76 15.27
C SER B 473 -17.38 4.62 14.05
N ALA B 474 -18.09 5.75 14.22
CA ALA B 474 -18.51 6.57 13.08
C ALA B 474 -17.47 7.54 12.53
N LEU B 475 -16.54 8.01 13.36
CA LEU B 475 -15.58 9.02 12.92
C LEU B 475 -14.57 8.40 11.95
N GLU B 476 -14.35 9.00 10.78
CA GLU B 476 -13.39 8.47 9.80
C GLU B 476 -11.98 8.97 10.12
N SER B 477 -11.35 8.44 11.16
CA SER B 477 -10.01 8.88 11.61
C SER B 477 -9.18 7.69 12.01
N GLY B 478 -7.88 7.77 11.78
CA GLY B 478 -6.95 6.70 12.09
C GLY B 478 -6.83 6.44 13.57
N THR B 479 -6.94 7.51 14.39
CA THR B 479 -6.93 7.32 15.85
C THR B 479 -8.08 8.11 16.40
N VAL B 480 -8.90 7.50 17.29
CA VAL B 480 -9.97 8.18 18.03
C VAL B 480 -9.63 8.11 19.52
N TRP B 481 -9.31 9.26 20.12
CA TRP B 481 -9.04 9.36 21.54
C TRP B 481 -10.35 9.64 22.27
N ILE B 482 -10.57 8.96 23.39
CA ILE B 482 -11.76 9.19 24.19
C ILE B 482 -11.32 9.66 25.55
N ASN B 483 -11.71 10.91 25.92
CA ASN B 483 -11.37 11.50 27.21
C ASN B 483 -9.86 11.65 27.44
N CYS B 484 -9.16 11.88 26.35
CA CYS B 484 -7.72 12.08 26.38
C CYS B 484 -7.31 12.70 25.06
N TYR B 485 -6.05 13.13 24.97
CA TYR B 485 -5.55 13.70 23.73
C TYR B 485 -4.05 13.41 23.63
N ASN B 486 -3.54 13.13 22.44
CA ASN B 486 -2.08 12.86 22.25
C ASN B 486 -1.57 11.67 23.05
N ALA B 487 -2.42 10.65 23.23
CA ALA B 487 -2.04 9.46 23.98
C ALA B 487 -1.51 8.46 22.94
N LEU B 488 -0.20 8.50 22.69
CA LEU B 488 0.40 7.58 21.76
C LEU B 488 1.15 6.49 22.50
N TYR B 489 1.21 5.30 21.87
CA TYR B 489 1.91 4.15 22.45
C TYR B 489 2.69 3.50 21.31
N ALA B 490 3.90 2.98 21.59
CA ALA B 490 4.66 2.28 20.52
C ALA B 490 3.86 1.05 19.99
N GLN B 491 3.01 0.42 20.86
CA GLN B 491 2.21 -0.75 20.54
C GLN B 491 0.90 -0.44 19.80
N ALA B 492 0.49 0.85 19.69
CA ALA B 492 -0.78 1.20 19.02
C ALA B 492 -0.53 1.87 17.66
N PRO B 493 -1.10 1.35 16.57
CA PRO B 493 -0.87 1.94 15.25
C PRO B 493 -1.39 3.37 15.16
N PHE B 494 -0.76 4.11 14.27
CA PHE B 494 -1.04 5.52 14.05
C PHE B 494 -0.92 5.80 12.57
N GLY B 495 -1.87 6.54 12.04
CA GLY B 495 -1.84 6.88 10.63
C GLY B 495 -3.17 7.39 10.14
N GLY B 496 -3.21 7.78 8.88
CA GLY B 496 -4.40 8.42 8.35
C GLY B 496 -5.38 7.62 7.53
N PHE B 497 -6.63 8.04 7.62
CA PHE B 497 -7.67 7.64 6.70
C PHE B 497 -7.61 8.73 5.57
N LYS B 498 -8.17 8.41 4.39
CA LYS B 498 -8.30 9.37 3.30
C LYS B 498 -6.97 10.08 2.93
N MET B 499 -6.93 11.44 2.81
CA MET B 499 -5.70 12.10 2.42
C MET B 499 -4.75 12.39 3.57
N SER B 500 -5.01 11.85 4.76
CA SER B 500 -4.05 11.96 5.86
C SER B 500 -2.92 10.90 5.82
N GLY B 501 -3.00 9.95 4.88
CA GLY B 501 -1.94 8.98 4.72
C GLY B 501 -2.32 7.66 4.10
N ASN B 502 -1.33 6.77 3.98
CA ASN B 502 -1.41 5.41 3.44
C ASN B 502 -0.50 4.57 4.36
N GLY B 503 -1.04 3.53 4.95
CA GLY B 503 -0.27 2.67 5.83
C GLY B 503 -0.30 3.12 7.27
N ARG B 504 0.35 2.36 8.13
CA ARG B 504 0.41 2.72 9.55
C ARG B 504 1.83 2.65 10.08
N GLU B 505 2.11 3.49 11.05
CA GLU B 505 3.35 3.44 11.82
C GLU B 505 2.97 3.01 13.26
N LEU B 506 3.92 2.41 13.99
CA LEU B 506 3.72 1.89 15.35
C LEU B 506 2.86 0.61 15.37
N GLY B 507 2.92 -0.13 16.46
CA GLY B 507 2.13 -1.35 16.59
C GLY B 507 2.61 -2.47 15.70
N GLU B 508 1.92 -3.61 15.77
CA GLU B 508 2.25 -4.76 14.96
C GLU B 508 2.06 -4.43 13.47
N TYR B 509 1.07 -3.57 13.17
CA TYR B 509 0.71 -3.11 11.83
C TYR B 509 1.85 -2.45 11.10
N ALA B 510 2.80 -1.83 11.82
CA ALA B 510 3.93 -1.21 11.15
C ALA B 510 4.78 -2.22 10.40
N LEU B 511 4.81 -3.49 10.87
CA LEU B 511 5.60 -4.56 10.26
C LEU B 511 5.17 -4.89 8.86
N ALA B 512 3.85 -4.74 8.56
CA ALA B 512 3.36 -5.02 7.21
C ALA B 512 3.96 -4.04 6.18
N GLU B 513 4.39 -2.84 6.60
CA GLU B 513 4.95 -1.88 5.65
C GLU B 513 6.38 -2.25 5.25
N TYR B 514 7.07 -3.05 6.09
CA TYR B 514 8.48 -3.37 5.93
C TYR B 514 8.76 -4.83 5.59
N THR B 515 7.72 -5.57 5.19
CA THR B 515 7.89 -6.95 4.80
C THR B 515 7.15 -7.18 3.48
N GLU B 516 7.59 -8.19 2.76
CA GLU B 516 6.99 -8.59 1.49
C GLU B 516 6.57 -10.05 1.72
N VAL B 517 5.36 -10.40 1.32
CA VAL B 517 4.86 -11.75 1.54
C VAL B 517 5.21 -12.70 0.38
N LYS B 518 5.84 -13.83 0.68
CA LYS B 518 6.15 -14.85 -0.32
C LYS B 518 5.39 -16.14 0.03
N THR B 519 4.64 -16.68 -0.94
CA THR B 519 3.96 -17.95 -0.75
C THR B 519 4.87 -19.05 -1.32
N VAL B 520 5.11 -20.13 -0.56
CA VAL B 520 5.91 -21.26 -1.04
C VAL B 520 4.92 -22.42 -1.06
N THR B 521 4.66 -23.00 -2.23
CA THR B 521 3.69 -24.08 -2.37
C THR B 521 4.42 -25.31 -2.91
N ILE B 522 4.48 -26.37 -2.10
CA ILE B 522 5.24 -27.58 -2.47
C ILE B 522 4.29 -28.74 -2.68
N LYS B 523 4.32 -29.37 -3.86
CA LYS B 523 3.49 -30.54 -4.09
C LYS B 523 4.32 -31.82 -3.88
N LEU B 524 3.87 -32.68 -2.99
CA LEU B 524 4.55 -33.94 -2.72
C LEU B 524 4.10 -34.97 -3.78
N GLY B 525 5.04 -35.75 -4.29
CA GLY B 525 4.73 -36.76 -5.29
C GLY B 525 3.99 -37.95 -4.71
PA NAD C . -3.81 -3.37 -19.91
O1A NAD C . -2.87 -2.84 -18.89
O2A NAD C . -3.67 -2.61 -21.21
O5B NAD C . -5.33 -3.21 -19.49
C5B NAD C . -5.84 -3.78 -18.27
C4B NAD C . -7.04 -2.97 -17.87
O4B NAD C . -6.65 -1.59 -17.65
C3B NAD C . -8.18 -2.94 -18.89
O3B NAD C . -9.39 -2.94 -18.16
C2B NAD C . -7.95 -1.60 -19.60
O2B NAD C . -9.14 -1.07 -20.18
C1B NAD C . -7.49 -0.75 -18.42
N9A NAD C . -6.74 0.45 -18.76
C8A NAD C . -5.99 0.71 -19.88
N7A NAD C . -5.50 1.91 -19.94
C5A NAD C . -5.94 2.51 -18.76
C6A NAD C . -5.68 3.76 -18.17
N6A NAD C . -4.99 4.74 -18.77
N1A NAD C . -6.18 3.99 -16.94
C2A NAD C . -6.90 3.03 -16.34
N3A NAD C . -7.22 1.82 -16.80
C4A NAD C . -6.70 1.62 -18.02
O3 NAD C . -3.49 -4.93 -19.99
PN NAD C . -4.05 -6.27 -20.67
O1N NAD C . -3.49 -6.29 -22.04
O2N NAD C . -5.51 -6.32 -20.46
O5D NAD C . -3.40 -7.43 -19.77
C5D NAD C . -2.09 -7.95 -20.06
C4D NAD C . -1.29 -7.95 -18.78
O4D NAD C . -2.10 -8.41 -17.67
C3D NAD C . -0.02 -8.83 -18.77
O3D NAD C . 1.15 -8.05 -18.52
C2D NAD C . -0.29 -9.83 -17.64
O2D NAD C . 0.86 -10.34 -16.98
C1D NAD C . -1.24 -9.02 -16.76
N1N NAD C . -2.07 -9.87 -15.79
C2N NAD C . -1.60 -9.98 -14.53
C3N NAD C . -2.22 -10.81 -13.63
C7N NAD C . -1.73 -10.98 -12.22
O7N NAD C . -0.69 -10.39 -11.84
N7N NAD C . -2.41 -11.79 -11.41
C4N NAD C . -3.34 -11.53 -14.04
C5N NAD C . -3.82 -11.36 -15.33
C6N NAD C . -3.17 -10.52 -16.20
C1 PEG D . -7.98 -19.09 -6.92
O1 PEG D . -8.61 -18.62 -8.10
C2 PEG D . -8.84 -20.10 -6.21
O2 PEG D . -9.13 -21.20 -7.08
C3 PEG D . -8.22 -22.28 -6.97
C4 PEG D . -8.76 -23.47 -7.69
O4 PEG D . -8.84 -23.28 -9.10
C1 GOL E . 0.88 1.60 -2.05
C1 GOL E . 1.49 0.85 -1.84
O1 GOL E . 1.74 0.82 -1.22
O1 GOL E . 2.53 1.77 -2.15
C2 GOL E . -0.40 1.97 -1.34
C2 GOL E . 0.28 1.56 -1.28
O2 GOL E . -1.26 2.71 -2.23
O2 GOL E . -0.38 2.30 -2.30
C3 GOL E . -1.10 0.69 -0.94
C3 GOL E . -0.70 0.62 -0.62
O3 GOL E . -2.44 0.96 -0.56
O3 GOL E . -1.57 0.02 -1.58
C1 GOL F . 7.71 -29.08 -36.74
O1 GOL F . 8.84 -28.22 -36.69
C2 GOL F . 6.50 -28.40 -36.13
O2 GOL F . 6.27 -27.16 -36.80
C3 GOL F . 5.28 -29.29 -36.27
O3 GOL F . 5.51 -30.56 -35.69
O7 P4C G . -0.65 -25.78 -15.15
C8 P4C G . -1.62 -25.26 -16.02
C9 P4C G . -2.99 -25.87 -15.75
O10 P4C G . -3.46 -25.53 -14.47
C11 P4C G . -4.03 -24.25 -14.37
C12 P4C G . -4.85 -24.18 -13.08
O13 P4C G . -4.39 -23.10 -12.30
C14 P4C G . -5.42 -22.46 -11.59
C15 P4C G . -5.38 -20.97 -11.95
O16 P4C G . -4.79 -20.79 -13.21
C17 P4C G . -3.86 -19.74 -13.26
C18 P4C G . -4.59 -18.42 -13.42
O19 P4C G . -3.78 -17.37 -12.98
C20 P4C G . -4.46 -16.15 -12.96
C21 P4C G . -3.44 -15.02 -12.93
O22 P4C G . -3.06 -14.58 -11.89
C1 GOL H . -20.71 -16.93 7.91
O1 GOL H . -20.06 -17.53 9.01
C2 GOL H . -21.85 -17.80 7.45
O2 GOL H . -23.07 -17.06 7.50
C3 GOL H . -21.61 -18.31 6.04
O3 GOL H . -22.67 -19.18 5.64
C1 GOL I . -12.84 -5.77 13.51
O1 GOL I . -13.42 -6.33 12.33
C2 GOL I . -13.78 -4.78 14.15
O2 GOL I . -13.91 -3.64 13.29
C3 GOL I . -15.13 -5.40 14.38
O3 GOL I . -15.74 -4.91 15.55
C1 GOL J . -0.44 -11.36 8.50
O1 GOL J . 0.29 -11.37 9.73
C2 GOL J . -1.90 -11.08 8.74
O2 GOL J . -2.46 -12.06 9.62
C3 GOL J . -2.61 -11.14 7.41
O3 GOL J . -2.54 -9.87 6.76
PA NAD K . 7.50 19.01 3.73
O1A NAD K . 6.49 18.14 3.10
O2A NAD K . 7.68 20.26 2.90
O5B NAD K . 8.89 18.26 3.84
C5B NAD K . 8.98 16.98 4.50
C4B NAD K . 10.21 16.28 3.97
O4B NAD K . 10.07 16.07 2.55
C3B NAD K . 11.53 17.04 4.16
O3B NAD K . 12.57 16.11 4.48
C2B NAD K . 11.75 17.68 2.81
O2B NAD K . 13.12 17.96 2.55
C1B NAD K . 11.21 16.59 1.89
N9A NAD K . 10.81 17.02 0.56
C8A NAD K . 10.29 18.23 0.18
N7A NAD K . 10.02 18.32 -1.10
C5A NAD K . 10.39 17.08 -1.60
C6A NAD K . 10.25 16.49 -2.87
N6A NAD K . 9.82 17.15 -3.96
N1A NAD K . 10.55 15.18 -2.99
C2A NAD K . 11.00 14.52 -1.92
N3A NAD K . 11.22 14.98 -0.68
C4A NAD K . 10.87 16.27 -0.58
O3 NAD K . 6.96 19.32 5.19
PN NAD K . 7.42 19.99 6.56
O1N NAD K . 8.77 19.49 6.92
O2N NAD K . 7.21 21.45 6.40
O5D NAD K . 6.31 19.43 7.58
C5D NAD K . 4.98 20.00 7.69
C4D NAD K . 3.92 18.93 7.62
O4D NAD K . 4.38 17.71 8.26
C3D NAD K . 2.55 19.24 8.25
O3D NAD K . 1.51 19.28 7.27
C2D NAD K . 2.34 18.11 9.27
O2D NAD K . 1.00 17.68 9.46
C1D NAD K . 3.24 17.03 8.67
N1N NAD K . 3.65 15.91 9.65
C2N NAD K . 2.92 14.79 9.68
C3N NAD K . 3.15 13.84 10.66
C7N NAD K . 2.32 12.58 10.78
O7N NAD K . 1.35 12.42 10.04
N7N NAD K . 2.64 11.72 11.74
C4N NAD K . 4.16 14.07 11.59
C5N NAD K . 4.93 15.21 11.50
C6N NAD K . 4.67 16.13 10.51
C1 PEG L . 5.63 7.73 24.78
O1 PEG L . 5.37 9.03 24.25
C2 PEG L . 5.11 6.66 23.87
O2 PEG L . 5.34 7.02 22.52
C3 PEG L . 5.94 5.99 21.75
C4 PEG L . 5.72 6.29 20.29
O4 PEG L . 6.33 7.50 19.93
C1 GOL M . -16.43 20.10 35.82
O1 GOL M . -15.27 19.62 35.17
C2 GOL M . -17.55 20.33 34.83
O2 GOL M . -17.87 19.10 34.18
C3 GOL M . -18.78 20.89 35.51
O3 GOL M . -18.49 22.13 36.15
C1 GOL N . 33.08 13.65 13.66
O1 GOL N . 33.43 12.28 13.71
C2 GOL N . 32.79 14.08 12.24
O2 GOL N . 33.83 13.65 11.37
C3 GOL N . 31.45 13.57 11.74
O3 GOL N . 30.87 14.49 10.81
O13 P4C O . 1.65 15.04 25.08
C14 P4C O . 2.46 14.20 24.31
C15 P4C O . 2.53 14.71 22.88
O16 P4C O . 2.86 13.67 22.00
C17 P4C O . 2.85 14.06 20.65
C18 P4C O . 3.77 13.16 19.81
O19 P4C O . 3.85 13.69 18.52
C20 P4C O . 3.82 12.76 17.47
C21 P4C O . 3.21 13.43 16.24
O22 P4C O . 3.01 12.79 15.26
S SO4 P . 14.97 -13.60 4.82
O1 SO4 P . 15.60 -14.92 4.63
O2 SO4 P . 13.89 -13.70 5.79
O3 SO4 P . 15.98 -12.65 5.31
O4 SO4 P . 14.46 -13.15 3.52
C1 GOL Q . -0.31 -27.01 7.97
O1 GOL Q . -0.68 -26.91 6.61
C2 GOL Q . -1.53 -26.95 8.86
O2 GOL Q . -1.34 -27.78 9.99
C3 GOL Q . -1.89 -25.57 9.32
O3 GOL Q . -3.23 -25.59 9.81
C1 GOL R . 30.42 27.48 10.30
O1 GOL R . 29.23 27.43 11.04
C2 GOL R . 31.45 26.49 10.82
O2 GOL R . 31.49 26.55 12.26
C3 GOL R . 31.23 25.08 10.36
O3 GOL R . 30.24 24.42 11.14
#